data_9LOT
#
_entry.id   9LOT
#
_cell.length_a   61.768
_cell.length_b   79.649
_cell.length_c   78.361
_cell.angle_alpha   90.00
_cell.angle_beta   105.78
_cell.angle_gamma   90.00
#
_symmetry.space_group_name_H-M   'P 1 21 1'
#
loop_
_entity.id
_entity.type
_entity.pdbx_description
1 polymer 'Tryptophan--tRNA ligase'
2 non-polymer 3-(4-phenoxyphenyl)-1-piperidin-4-yl-pyrazolo[3,4-d]pyrimidin-4-amine
3 non-polymer 'SULFATE ION'
4 non-polymer CHLORZOXAZONE
5 non-polymer "TRYPTOPHANYL-5'AMP"
6 water water
#
_entity_poly.entity_id   1
_entity_poly.type   'polypeptide(L)'
_entity_poly.pdbx_seq_one_letter_code
;MTKPIVFSGAQPSGELTIGNYMGALRQWVNMQDDYHCIYCIVDQHAITVRQDAQKLRKATLDTLALYLACGIDPEKSTIF
VQSHVPEHAQLGWALNCYTYFGELSRMTQFKDKSARYAENINAGLFDYPVLMAADILLYQTNLVPVGEDQKQHLELSRDI
AQRFNALYGEIFKVPEPFIPKSGARVMSLLEPTKKMSKSDDNRNNVIGLLEDPKSVVKKIKRAVTDSDEPPVVRYDVQNK
AGVSNLLDILSAVTGQSIPELEKQFEGKMYGHLKGEVADAVSGMLTELQERYHRFRNDEAFLQQVMKDGAEKASAHASRT
LKAVYEAIGFVAKRHHHHHH
;
_entity_poly.pdbx_strand_id   A,B
#
loop_
_chem_comp.id
_chem_comp.type
_chem_comp.name
_chem_comp.formula
A1EKY non-polymer 3-(4-phenoxyphenyl)-1-piperidin-4-yl-pyrazolo[3,4-d]pyrimidin-4-amine 'C22 H22 N6 O'
CLW non-polymer CHLORZOXAZONE 'C7 H4 Cl N O2'
SO4 non-polymer 'SULFATE ION' 'O4 S -2'
TYM non-polymer TRYPTOPHANYL-5'AMP 'C21 H24 N7 O8 P'
#
# COMPACT_ATOMS: atom_id res chain seq x y z
N LYS A 3 26.67 14.68 -5.89
CA LYS A 3 25.91 14.45 -7.14
C LYS A 3 24.44 14.23 -6.82
N PRO A 4 23.56 15.14 -7.26
CA PRO A 4 22.16 15.08 -6.88
C PRO A 4 21.47 13.86 -7.50
N ILE A 5 20.49 13.34 -6.76
CA ILE A 5 19.66 12.18 -7.17
C ILE A 5 18.37 12.72 -7.77
N VAL A 6 18.07 12.25 -8.97
CA VAL A 6 16.87 12.66 -9.74
C VAL A 6 16.00 11.43 -9.89
N PHE A 7 14.73 11.56 -9.60
CA PHE A 7 13.77 10.43 -9.73
C PHE A 7 12.71 10.77 -10.77
N SER A 8 12.49 9.86 -11.71
CA SER A 8 11.40 9.96 -12.71
C SER A 8 10.57 8.69 -12.69
N GLY A 9 9.26 8.84 -12.73
CA GLY A 9 8.33 7.72 -12.90
C GLY A 9 7.85 7.65 -14.33
N ALA A 10 8.21 6.58 -15.04
CA ALA A 10 7.80 6.34 -16.44
C ALA A 10 6.54 5.48 -16.47
N GLN A 11 5.41 6.08 -16.84
CA GLN A 11 4.11 5.36 -16.85
C GLN A 11 4.07 4.48 -18.10
N PRO A 12 3.95 3.14 -17.96
CA PRO A 12 4.10 2.22 -19.09
C PRO A 12 3.10 2.46 -20.23
N SER A 13 1.85 2.79 -19.91
CA SER A 13 0.79 2.97 -20.94
C SER A 13 0.96 4.34 -21.61
N GLY A 14 0.65 4.44 -22.91
CA GLY A 14 0.84 5.68 -23.67
C GLY A 14 2.12 5.66 -24.46
N GLU A 15 2.01 5.78 -25.78
CA GLU A 15 3.17 5.75 -26.71
C GLU A 15 3.84 7.12 -26.66
N LEU A 16 5.12 7.15 -26.29
CA LEU A 16 5.91 8.40 -26.23
C LEU A 16 5.81 9.10 -27.59
N THR A 17 5.82 10.44 -27.56
CA THR A 17 5.70 11.27 -28.79
C THR A 17 7.01 12.02 -29.04
N ILE A 18 7.10 12.67 -30.19
CA ILE A 18 8.30 13.52 -30.45
C ILE A 18 8.33 14.67 -29.45
N GLY A 19 7.20 15.06 -28.87
CA GLY A 19 7.17 16.09 -27.82
C GLY A 19 7.84 15.60 -26.54
N ASN A 20 7.61 14.33 -26.19
CA ASN A 20 8.26 13.70 -25.02
C ASN A 20 9.77 13.62 -25.26
N TYR A 21 10.20 13.27 -26.47
CA TYR A 21 11.62 13.04 -26.76
C TYR A 21 12.37 14.38 -26.87
N MET A 22 11.99 15.19 -27.84
CA MET A 22 12.75 16.44 -28.11
C MET A 22 12.49 17.44 -26.97
N GLY A 23 11.44 17.24 -26.17
CA GLY A 23 11.05 18.19 -25.12
C GLY A 23 11.69 17.93 -23.77
N ALA A 24 12.22 16.73 -23.51
CA ALA A 24 12.72 16.39 -22.16
C ALA A 24 13.67 15.21 -22.18
N LEU A 25 13.25 14.08 -22.73
CA LEU A 25 14.10 12.88 -22.65
C LEU A 25 15.43 13.13 -23.35
N ARG A 26 15.43 13.81 -24.50
CA ARG A 26 16.68 14.03 -25.25
C ARG A 26 17.68 14.78 -24.35
N GLN A 27 17.21 15.77 -23.61
CA GLN A 27 18.07 16.60 -22.73
C GLN A 27 18.53 15.79 -21.52
N TRP A 28 17.64 14.98 -20.95
CA TRP A 28 17.99 14.14 -19.77
C TRP A 28 19.01 13.06 -20.16
N VAL A 29 18.92 12.54 -21.38
CA VAL A 29 19.95 11.58 -21.87
C VAL A 29 21.34 12.22 -21.76
N ASN A 30 21.45 13.53 -21.97
CA ASN A 30 22.76 14.23 -22.01
C ASN A 30 23.17 14.69 -20.61
N MET A 31 22.36 14.43 -19.58
CA MET A 31 22.68 14.87 -18.20
C MET A 31 22.93 13.66 -17.29
N GLN A 32 23.18 12.48 -17.88
CA GLN A 32 23.33 11.25 -17.08
C GLN A 32 24.64 11.25 -16.29
N ASP A 33 25.61 12.09 -16.66
CA ASP A 33 26.87 12.18 -15.89
C ASP A 33 26.77 13.30 -14.85
N ASP A 34 25.85 14.25 -15.03
CA ASP A 34 25.70 15.40 -14.11
C ASP A 34 24.95 14.97 -12.83
N TYR A 35 24.00 14.06 -12.98
CA TYR A 35 23.08 13.65 -11.89
C TYR A 35 23.10 12.13 -11.79
N HIS A 36 22.75 11.62 -10.61
CA HIS A 36 22.40 10.18 -10.44
C HIS A 36 20.93 10.05 -10.81
N CYS A 37 20.63 9.67 -12.04
CA CYS A 37 19.24 9.60 -12.54
C CYS A 37 18.66 8.21 -12.32
N ILE A 38 17.44 8.19 -11.82
CA ILE A 38 16.67 6.96 -11.56
C ILE A 38 15.42 7.03 -12.40
N TYR A 39 15.21 6.00 -13.22
CA TYR A 39 13.99 5.85 -14.04
C TYR A 39 13.25 4.61 -13.56
N CYS A 40 12.08 4.84 -13.01
CA CYS A 40 11.24 3.77 -12.42
C CYS A 40 10.04 3.56 -13.34
N ILE A 41 9.92 2.38 -13.94
CA ILE A 41 8.72 2.08 -14.77
C ILE A 41 7.61 1.69 -13.80
N VAL A 42 6.60 2.54 -13.65
CA VAL A 42 5.69 2.52 -12.48
C VAL A 42 4.47 1.65 -12.79
N ASP A 43 4.69 0.35 -12.86
CA ASP A 43 3.58 -0.61 -13.13
C ASP A 43 2.61 -0.66 -11.95
N GLN A 44 3.04 -0.40 -10.71
CA GLN A 44 2.08 -0.43 -9.58
C GLN A 44 1.15 0.78 -9.67
N HIS A 45 1.60 1.90 -10.20
CA HIS A 45 0.71 3.06 -10.46
C HIS A 45 -0.30 2.71 -11.58
N ALA A 46 0.11 1.89 -12.55
CA ALA A 46 -0.70 1.63 -13.75
C ALA A 46 -2.04 1.00 -13.36
N ILE A 47 -2.05 0.13 -12.36
CA ILE A 47 -3.23 -0.73 -12.09
C ILE A 47 -4.31 0.03 -11.32
N THR A 48 -4.14 1.34 -11.11
CA THR A 48 -5.25 2.16 -10.59
C THR A 48 -6.36 2.24 -11.64
N VAL A 49 -6.03 1.92 -12.88
CA VAL A 49 -7.00 1.85 -14.01
C VAL A 49 -7.04 0.42 -14.51
N ARG A 50 -8.22 -0.18 -14.56
CA ARG A 50 -8.38 -1.56 -15.06
C ARG A 50 -7.88 -1.62 -16.50
N GLN A 51 -6.98 -2.53 -16.80
CA GLN A 51 -6.49 -2.72 -18.18
C GLN A 51 -6.14 -4.18 -18.39
N ASP A 52 -6.05 -4.53 -19.65
CA ASP A 52 -5.70 -5.90 -20.06
C ASP A 52 -4.33 -6.24 -19.51
N ALA A 53 -4.22 -7.38 -18.84
CA ALA A 53 -2.98 -7.82 -18.16
C ALA A 53 -1.87 -8.03 -19.20
N GLN A 54 -2.16 -8.71 -20.30
CA GLN A 54 -1.08 -9.00 -21.29
C GLN A 54 -0.59 -7.67 -21.91
N LYS A 55 -1.47 -6.71 -22.06
CA LYS A 55 -1.10 -5.40 -22.67
C LYS A 55 -0.21 -4.62 -21.69
N LEU A 56 -0.46 -4.75 -20.39
CA LEU A 56 0.35 -4.05 -19.36
C LEU A 56 1.76 -4.65 -19.33
N ARG A 57 1.88 -5.97 -19.37
CA ARG A 57 3.20 -6.64 -19.43
C ARG A 57 3.96 -6.16 -20.67
N LYS A 58 3.30 -6.22 -21.83
CA LYS A 58 3.93 -5.80 -23.10
C LYS A 58 4.35 -4.32 -23.01
N ALA A 59 3.49 -3.47 -22.47
CA ALA A 59 3.74 -2.01 -22.39
C ALA A 59 4.92 -1.72 -21.44
N THR A 60 5.08 -2.51 -20.38
CA THR A 60 6.25 -2.38 -19.48
C THR A 60 7.53 -2.60 -20.29
N LEU A 61 7.57 -3.65 -21.10
CA LEU A 61 8.79 -3.99 -21.86
C LEU A 61 8.95 -2.99 -23.01
N ASP A 62 7.84 -2.53 -23.58
CA ASP A 62 7.90 -1.50 -24.65
C ASP A 62 8.53 -0.22 -24.09
N THR A 63 8.09 0.19 -22.90
CA THR A 63 8.61 1.41 -22.24
C THR A 63 10.10 1.27 -21.93
N LEU A 64 10.50 0.13 -21.35
CA LEU A 64 11.93 -0.13 -21.04
C LEU A 64 12.77 0.00 -22.33
N ALA A 65 12.36 -0.68 -23.39
CA ALA A 65 13.15 -0.72 -24.63
C ALA A 65 13.22 0.68 -25.25
N LEU A 66 12.14 1.45 -25.14
CA LEU A 66 12.12 2.80 -25.78
C LEU A 66 13.03 3.76 -25.00
N TYR A 67 13.05 3.70 -23.66
CA TYR A 67 13.98 4.52 -22.86
C TYR A 67 15.43 4.17 -23.18
N LEU A 68 15.72 2.88 -23.33
CA LEU A 68 17.08 2.45 -23.73
C LEU A 68 17.39 3.00 -25.13
N ALA A 69 16.45 2.87 -26.06
CA ALA A 69 16.61 3.34 -27.46
C ALA A 69 16.88 4.84 -27.49
N CYS A 70 16.22 5.61 -26.64
CA CYS A 70 16.43 7.09 -26.60
C CYS A 70 17.80 7.44 -25.99
N GLY A 71 18.49 6.50 -25.32
CA GLY A 71 19.88 6.73 -24.89
C GLY A 71 20.06 6.65 -23.38
N ILE A 72 19.04 6.27 -22.62
CA ILE A 72 19.26 5.98 -21.16
C ILE A 72 20.23 4.81 -21.07
N ASP A 73 21.33 5.05 -20.37
CA ASP A 73 22.46 4.09 -20.25
C ASP A 73 22.32 3.38 -18.92
N PRO A 74 21.95 2.08 -18.91
CA PRO A 74 21.71 1.38 -17.66
C PRO A 74 22.97 1.22 -16.79
N GLU A 75 24.13 1.58 -17.33
CA GLU A 75 25.40 1.59 -16.56
C GLU A 75 25.61 2.95 -15.89
N LYS A 76 25.05 4.02 -16.47
CA LYS A 76 25.14 5.38 -15.87
C LYS A 76 23.92 5.63 -15.00
N SER A 77 22.73 5.35 -15.51
CA SER A 77 21.47 5.59 -14.78
C SER A 77 20.95 4.27 -14.19
N THR A 78 20.03 4.39 -13.25
CA THR A 78 19.31 3.22 -12.69
C THR A 78 17.94 3.16 -13.35
N ILE A 79 17.68 2.09 -14.09
CA ILE A 79 16.34 1.90 -14.69
C ILE A 79 15.83 0.54 -14.23
N PHE A 80 14.60 0.51 -13.79
CA PHE A 80 14.02 -0.70 -13.17
C PHE A 80 12.51 -0.61 -13.20
N VAL A 81 11.88 -1.75 -12.96
CA VAL A 81 10.41 -1.89 -12.86
C VAL A 81 10.01 -1.78 -11.38
N GLN A 82 9.07 -0.89 -11.09
CA GLN A 82 8.65 -0.55 -9.70
C GLN A 82 8.30 -1.83 -8.93
N SER A 83 7.51 -2.72 -9.51
CA SER A 83 7.00 -3.90 -8.77
C SER A 83 8.14 -4.85 -8.39
N HIS A 84 9.32 -4.72 -9.01
CA HIS A 84 10.49 -5.58 -8.69
C HIS A 84 11.17 -5.16 -7.38
N VAL A 85 10.78 -4.03 -6.81
CA VAL A 85 11.40 -3.48 -5.58
C VAL A 85 10.32 -3.38 -4.51
N PRO A 86 10.21 -4.39 -3.61
CA PRO A 86 9.14 -4.41 -2.63
C PRO A 86 9.12 -3.18 -1.71
N GLU A 87 10.26 -2.54 -1.49
CA GLU A 87 10.35 -1.38 -0.58
C GLU A 87 9.37 -0.28 -0.98
N HIS A 88 9.00 -0.13 -2.26
CA HIS A 88 8.02 0.91 -2.67
C HIS A 88 6.70 0.70 -1.93
N ALA A 89 6.15 -0.50 -2.00
CA ALA A 89 4.88 -0.80 -1.30
C ALA A 89 5.07 -0.73 0.22
N GLN A 90 6.21 -1.19 0.75
CA GLN A 90 6.46 -1.18 2.21
C GLN A 90 6.49 0.26 2.72
N LEU A 91 7.27 1.14 2.08
CA LEU A 91 7.29 2.55 2.55
C LEU A 91 5.92 3.20 2.32
N GLY A 92 5.24 2.84 1.23
CA GLY A 92 3.91 3.43 0.94
C GLY A 92 2.94 3.19 2.09
N TRP A 93 2.89 1.96 2.59
CA TRP A 93 2.00 1.68 3.74
C TRP A 93 2.40 2.57 4.92
N ALA A 94 3.67 2.61 5.25
CA ALA A 94 4.12 3.38 6.43
C ALA A 94 3.72 4.85 6.26
N LEU A 95 3.93 5.39 5.07
CA LEU A 95 3.63 6.82 4.83
C LEU A 95 2.13 7.05 4.83
N ASN A 96 1.29 6.08 4.46
CA ASN A 96 -0.18 6.21 4.66
C ASN A 96 -0.50 6.63 6.09
N CYS A 97 0.27 6.12 7.06
CA CYS A 97 -0.02 6.33 8.49
C CYS A 97 0.40 7.73 8.94
N TYR A 98 1.09 8.48 8.07
CA TYR A 98 1.56 9.86 8.35
C TYR A 98 0.96 10.83 7.33
N THR A 99 -0.06 10.40 6.61
CA THR A 99 -0.74 11.24 5.59
C THR A 99 -2.16 11.47 6.10
N TYR A 100 -2.61 12.71 6.11
CA TYR A 100 -4.00 13.00 6.53
C TYR A 100 -4.96 12.52 5.44
N PHE A 101 -6.06 11.89 5.85
CA PHE A 101 -7.15 11.54 4.91
C PHE A 101 -7.57 12.82 4.17
N GLY A 102 -7.63 13.94 4.88
CA GLY A 102 -8.02 15.23 4.29
C GLY A 102 -7.11 15.65 3.15
N GLU A 103 -5.82 15.34 3.23
CA GLU A 103 -4.84 15.72 2.18
C GLU A 103 -5.18 14.99 0.88
N LEU A 104 -5.57 13.72 0.96
CA LEU A 104 -5.92 12.92 -0.25
C LEU A 104 -7.28 13.37 -0.81
N SER A 105 -8.22 13.72 0.06
CA SER A 105 -9.56 14.19 -0.35
C SER A 105 -9.42 15.49 -1.15
N ARG A 106 -8.48 16.34 -0.75
CA ARG A 106 -8.31 17.69 -1.34
C ARG A 106 -7.40 17.63 -2.55
N MET A 107 -6.97 16.45 -2.97
CA MET A 107 -6.06 16.32 -4.13
C MET A 107 -6.84 16.65 -5.40
N ALA A 118 -17.90 8.67 -6.66
CA ALA A 118 -16.90 8.83 -5.58
C ALA A 118 -16.85 7.58 -4.70
N GLU A 119 -18.02 7.14 -4.21
CA GLU A 119 -18.12 5.85 -3.48
C GLU A 119 -17.69 4.71 -4.41
N ASN A 120 -17.64 4.94 -5.73
CA ASN A 120 -17.38 3.86 -6.73
C ASN A 120 -15.99 3.95 -7.35
N ILE A 121 -15.15 4.90 -6.94
CA ILE A 121 -13.73 4.93 -7.40
C ILE A 121 -12.97 3.88 -6.60
N ASN A 122 -11.93 3.28 -7.16
CA ASN A 122 -11.12 2.30 -6.38
C ASN A 122 -10.19 3.05 -5.43
N ALA A 123 -9.80 2.39 -4.35
CA ALA A 123 -8.97 2.99 -3.29
C ALA A 123 -7.59 3.34 -3.85
N GLY A 124 -7.12 2.62 -4.87
CA GLY A 124 -5.82 2.94 -5.51
C GLY A 124 -5.86 4.33 -6.15
N LEU A 125 -6.98 4.68 -6.77
CA LEU A 125 -7.14 6.01 -7.37
C LEU A 125 -7.15 7.09 -6.28
N PHE A 126 -7.59 6.78 -5.08
CA PHE A 126 -7.58 7.74 -3.96
C PHE A 126 -6.17 7.82 -3.34
N ASP A 127 -5.46 6.70 -3.29
CA ASP A 127 -4.25 6.53 -2.42
C ASP A 127 -2.93 6.63 -3.19
N TYR A 128 -2.93 6.65 -4.52
CA TYR A 128 -1.66 6.63 -5.30
C TYR A 128 -0.77 7.82 -4.95
N PRO A 129 -1.25 9.00 -4.48
CA PRO A 129 -0.30 10.07 -4.16
C PRO A 129 0.70 9.64 -3.07
N VAL A 130 0.27 8.74 -2.19
CA VAL A 130 1.12 8.23 -1.09
C VAL A 130 2.17 7.29 -1.68
N LEU A 131 1.78 6.45 -2.63
CA LEU A 131 2.75 5.58 -3.34
C LEU A 131 3.78 6.46 -4.07
N MET A 132 3.34 7.52 -4.73
CA MET A 132 4.29 8.43 -5.43
C MET A 132 5.25 9.05 -4.41
N ALA A 133 4.76 9.45 -3.24
CA ALA A 133 5.67 9.99 -2.19
C ALA A 133 6.70 8.94 -1.79
N ALA A 134 6.26 7.70 -1.56
CA ALA A 134 7.21 6.61 -1.23
C ALA A 134 8.23 6.42 -2.34
N ASP A 135 7.78 6.40 -3.61
CA ASP A 135 8.68 6.18 -4.77
C ASP A 135 9.84 7.19 -4.70
N ILE A 136 9.52 8.45 -4.43
CA ILE A 136 10.54 9.53 -4.41
C ILE A 136 11.40 9.45 -3.14
N LEU A 137 10.77 9.36 -1.99
CA LEU A 137 11.48 9.46 -0.70
C LEU A 137 12.41 8.27 -0.48
N LEU A 138 12.12 7.10 -1.07
CA LEU A 138 12.98 5.90 -0.88
C LEU A 138 14.43 6.18 -1.28
N TYR A 139 14.66 7.01 -2.29
CA TYR A 139 16.00 7.11 -2.92
C TYR A 139 16.73 8.39 -2.48
N GLN A 140 16.31 9.02 -1.39
CA GLN A 140 16.93 10.27 -0.91
C GLN A 140 16.99 11.26 -2.08
N THR A 141 15.91 11.29 -2.84
CA THR A 141 15.81 12.08 -4.09
C THR A 141 15.94 13.57 -3.78
N ASN A 142 16.76 14.25 -4.57
CA ASN A 142 16.91 15.73 -4.50
C ASN A 142 15.96 16.41 -5.48
N LEU A 143 15.77 15.85 -6.66
CA LEU A 143 15.08 16.56 -7.77
C LEU A 143 14.09 15.62 -8.44
N VAL A 144 12.91 16.15 -8.71
CA VAL A 144 11.87 15.39 -9.47
C VAL A 144 11.42 16.26 -10.63
N PRO A 145 11.61 15.81 -11.89
CA PRO A 145 11.01 16.50 -13.02
C PRO A 145 9.52 16.15 -13.08
N VAL A 146 8.66 17.10 -12.76
CA VAL A 146 7.18 16.88 -12.73
C VAL A 146 6.52 17.71 -13.84
N GLY A 147 5.40 17.19 -14.34
CA GLY A 147 4.47 17.95 -15.19
C GLY A 147 3.59 18.85 -14.33
N GLU A 148 2.87 19.77 -14.97
CA GLU A 148 2.02 20.75 -14.25
C GLU A 148 0.92 20.01 -13.49
N ASP A 149 0.44 18.90 -14.03
CA ASP A 149 -0.63 18.06 -13.41
C ASP A 149 -0.12 17.36 -12.14
N GLN A 150 1.19 17.37 -11.86
CA GLN A 150 1.78 16.60 -10.73
C GLN A 150 2.38 17.55 -9.67
N LYS A 151 2.17 18.85 -9.78
CA LYS A 151 2.85 19.79 -8.84
C LYS A 151 2.27 19.65 -7.43
N GLN A 152 0.95 19.50 -7.29
CA GLN A 152 0.30 19.29 -5.99
C GLN A 152 0.77 17.97 -5.38
N HIS A 153 1.01 16.96 -6.21
CA HIS A 153 1.47 15.63 -5.74
C HIS A 153 2.88 15.75 -5.17
N LEU A 154 3.76 16.48 -5.85
CA LEU A 154 5.14 16.69 -5.33
C LEU A 154 5.07 17.48 -4.03
N GLU A 155 4.18 18.47 -3.95
CA GLU A 155 4.05 19.27 -2.70
C GLU A 155 3.65 18.35 -1.56
N LEU A 156 2.76 17.37 -1.80
CA LEU A 156 2.37 16.42 -0.73
C LEU A 156 3.59 15.60 -0.29
N SER A 157 4.41 15.15 -1.23
CA SER A 157 5.64 14.37 -0.92
C SER A 157 6.56 15.21 -0.03
N ARG A 158 6.67 16.51 -0.32
CA ARG A 158 7.54 17.37 0.51
C ARG A 158 6.92 17.54 1.90
N ASP A 159 5.60 17.71 1.96
CA ASP A 159 4.89 17.84 3.26
C ASP A 159 5.09 16.58 4.10
N ILE A 160 4.97 15.40 3.49
CA ILE A 160 5.13 14.13 4.24
C ILE A 160 6.57 14.01 4.73
N ALA A 161 7.56 14.30 3.87
CA ALA A 161 8.98 14.20 4.26
C ALA A 161 9.24 15.11 5.47
N GLN A 162 8.75 16.35 5.43
CA GLN A 162 9.05 17.31 6.52
C GLN A 162 8.34 16.88 7.80
N ARG A 163 7.12 16.36 7.69
CA ARG A 163 6.34 15.92 8.85
C ARG A 163 7.05 14.75 9.54
N PHE A 164 7.50 13.77 8.77
CA PHE A 164 8.18 12.58 9.32
C PHE A 164 9.52 13.00 9.96
N ASN A 165 10.27 13.84 9.26
CA ASN A 165 11.59 14.32 9.74
C ASN A 165 11.41 15.09 11.06
N ALA A 166 10.35 15.88 11.18
CA ALA A 166 10.10 16.68 12.39
C ALA A 166 9.82 15.75 13.58
N LEU A 167 9.28 14.56 13.35
CA LEU A 167 9.04 13.62 14.47
C LEU A 167 10.30 12.82 14.77
N TYR A 168 11.05 12.39 13.75
CA TYR A 168 12.02 11.27 13.92
C TYR A 168 13.46 11.64 13.59
N GLY A 169 13.74 12.83 13.08
CA GLY A 169 15.10 13.19 12.66
C GLY A 169 15.20 13.20 11.15
N GLU A 170 16.39 13.50 10.64
CA GLU A 170 16.57 13.75 9.18
C GLU A 170 16.67 12.41 8.44
N ILE A 171 15.53 11.73 8.32
CA ILE A 171 15.45 10.41 7.66
C ILE A 171 15.38 10.62 6.14
N PHE A 172 14.58 11.57 5.69
CA PHE A 172 14.30 11.82 4.27
C PHE A 172 14.97 13.11 3.81
N LYS A 173 15.38 13.13 2.54
CA LYS A 173 15.66 14.40 1.85
C LYS A 173 14.31 15.00 1.49
N VAL A 174 14.22 16.32 1.56
CA VAL A 174 13.01 17.02 1.05
C VAL A 174 13.25 17.28 -0.43
N PRO A 175 12.48 16.65 -1.33
CA PRO A 175 12.73 16.79 -2.75
C PRO A 175 12.27 18.15 -3.29
N GLU A 176 12.89 18.56 -4.38
CA GLU A 176 12.57 19.83 -5.09
C GLU A 176 12.15 19.51 -6.51
N PRO A 177 11.25 20.32 -7.10
CA PRO A 177 10.99 20.22 -8.52
C PRO A 177 12.24 20.60 -9.32
N PHE A 178 12.41 19.95 -10.46
CA PHE A 178 13.44 20.36 -11.44
C PHE A 178 12.83 21.51 -12.25
N ILE A 179 13.27 22.73 -11.99
CA ILE A 179 12.56 23.93 -12.54
C ILE A 179 12.83 24.10 -14.04
N PRO A 180 14.09 24.09 -14.53
CA PRO A 180 14.34 24.43 -15.94
C PRO A 180 13.67 23.49 -16.97
N LYS A 181 13.15 24.08 -18.05
CA LYS A 181 12.47 23.35 -19.17
C LYS A 181 13.50 22.92 -20.22
N ALA A 184 12.38 22.41 -25.91
CA ALA A 184 11.71 22.40 -27.24
C ALA A 184 10.19 22.43 -27.05
N ARG A 185 9.53 23.29 -27.82
CA ARG A 185 8.05 23.44 -27.82
C ARG A 185 7.47 22.56 -28.93
N VAL A 186 6.62 21.61 -28.58
CA VAL A 186 5.96 20.73 -29.59
C VAL A 186 4.47 20.72 -29.29
N MET A 187 3.67 21.29 -30.18
CA MET A 187 2.22 21.45 -29.97
C MET A 187 1.46 20.44 -30.85
N SER A 188 0.18 20.29 -30.57
CA SER A 188 -0.70 19.32 -31.27
C SER A 188 -0.91 19.76 -32.72
N LEU A 189 -0.92 18.81 -33.64
CA LEU A 189 -0.94 19.11 -35.10
C LEU A 189 -2.27 19.71 -35.51
N LEU A 190 -3.40 19.29 -34.92
CA LEU A 190 -4.72 19.83 -35.31
C LEU A 190 -5.22 20.85 -34.29
N GLU A 191 -4.47 21.09 -33.21
CA GLU A 191 -4.84 22.05 -32.14
C GLU A 191 -3.54 22.67 -31.61
N PRO A 192 -2.90 23.56 -32.38
CA PRO A 192 -1.55 24.03 -32.04
C PRO A 192 -1.46 24.88 -30.76
N THR A 193 -2.59 25.12 -30.09
CA THR A 193 -2.60 25.80 -28.77
C THR A 193 -2.44 24.80 -27.62
N LYS A 194 -2.55 23.51 -27.90
CA LYS A 194 -2.47 22.43 -26.89
C LYS A 194 -1.16 21.68 -27.07
N LYS A 195 -0.42 21.48 -25.98
CA LYS A 195 0.84 20.71 -26.02
C LYS A 195 0.56 19.32 -26.57
N MET A 196 1.49 18.79 -27.37
CA MET A 196 1.39 17.41 -27.87
C MET A 196 1.61 16.45 -26.68
N SER A 197 0.66 15.53 -26.47
CA SER A 197 0.56 14.71 -25.23
C SER A 197 0.44 13.23 -25.58
N LYS A 198 1.25 12.40 -24.95
CA LYS A 198 1.26 10.93 -25.20
C LYS A 198 -0.08 10.32 -24.78
N SER A 199 -0.87 11.02 -23.97
CA SER A 199 -2.17 10.53 -23.43
C SER A 199 -3.35 11.03 -24.28
N ASP A 200 -3.09 11.45 -25.52
CA ASP A 200 -4.14 12.06 -26.37
C ASP A 200 -4.94 10.97 -27.08
N ASP A 201 -6.26 11.19 -27.22
CA ASP A 201 -7.21 10.27 -27.89
C ASP A 201 -7.16 10.51 -29.40
N ASN A 202 -7.17 11.78 -29.83
CA ASN A 202 -6.96 12.12 -31.27
C ASN A 202 -5.50 11.85 -31.59
N ARG A 203 -5.20 10.65 -32.08
CA ARG A 203 -3.80 10.24 -32.39
C ARG A 203 -3.27 11.04 -33.58
N ASN A 204 -4.14 11.74 -34.30
CA ASN A 204 -3.73 12.62 -35.42
C ASN A 204 -3.10 13.91 -34.89
N ASN A 205 -3.24 14.19 -33.58
CA ASN A 205 -2.60 15.37 -32.95
C ASN A 205 -1.14 15.08 -32.64
N VAL A 206 -0.70 13.81 -32.67
CA VAL A 206 0.65 13.46 -32.17
C VAL A 206 1.42 12.75 -33.28
N ILE A 207 2.73 12.75 -33.13
CA ILE A 207 3.63 11.81 -33.85
C ILE A 207 4.30 10.94 -32.79
N GLY A 208 3.95 9.66 -32.78
CA GLY A 208 4.61 8.68 -31.90
C GLY A 208 6.01 8.34 -32.39
N LEU A 209 6.89 7.94 -31.47
CA LEU A 209 8.31 7.69 -31.81
C LEU A 209 8.45 6.48 -32.73
N LEU A 210 7.42 5.64 -32.83
CA LEU A 210 7.52 4.38 -33.62
C LEU A 210 6.79 4.50 -34.95
N GLU A 211 6.28 5.68 -35.29
CA GLU A 211 5.47 5.87 -36.52
C GLU A 211 6.35 5.80 -37.76
N ASP A 212 5.84 5.18 -38.82
CA ASP A 212 6.61 4.99 -40.08
C ASP A 212 6.57 6.28 -40.88
N PRO A 213 7.48 6.45 -41.86
CA PRO A 213 7.52 7.68 -42.65
C PRO A 213 6.20 8.03 -43.35
N LYS A 214 5.46 7.02 -43.81
CA LYS A 214 4.16 7.24 -44.50
C LYS A 214 3.13 7.83 -43.53
N SER A 215 3.10 7.35 -42.28
CA SER A 215 2.21 7.89 -41.22
C SER A 215 2.63 9.32 -40.89
N VAL A 216 3.93 9.58 -40.80
CA VAL A 216 4.41 10.94 -40.43
C VAL A 216 4.01 11.92 -41.53
N VAL A 217 4.18 11.53 -42.80
CA VAL A 217 3.81 12.42 -43.94
C VAL A 217 2.31 12.73 -43.86
N LYS A 218 1.48 11.71 -43.63
CA LYS A 218 0.01 11.87 -43.59
C LYS A 218 -0.38 12.85 -42.49
N LYS A 219 0.22 12.72 -41.30
CA LYS A 219 -0.18 13.55 -40.14
C LYS A 219 0.31 14.99 -40.30
N ILE A 220 1.51 15.17 -40.82
CA ILE A 220 2.07 16.55 -41.06
C ILE A 220 1.24 17.23 -42.15
N LYS A 221 0.73 16.47 -43.11
CA LYS A 221 0.05 17.08 -44.27
C LYS A 221 -1.29 17.67 -43.82
N ARG A 222 -1.91 17.05 -42.80
CA ARG A 222 -3.18 17.55 -42.22
C ARG A 222 -2.93 18.64 -41.18
N ALA A 223 -1.68 18.87 -40.78
CA ALA A 223 -1.39 19.87 -39.72
C ALA A 223 -2.04 21.20 -40.10
N VAL A 224 -2.69 21.85 -39.15
CA VAL A 224 -3.43 23.13 -39.38
C VAL A 224 -2.41 24.23 -39.64
N THR A 225 -2.70 25.12 -40.58
CA THR A 225 -1.82 26.30 -40.84
C THR A 225 -2.67 27.56 -40.71
N ASP A 226 -2.68 28.40 -41.74
CA ASP A 226 -3.49 29.64 -41.73
C ASP A 226 -3.88 29.97 -43.17
N SER A 227 -4.70 31.02 -43.32
CA SER A 227 -5.22 31.45 -44.63
C SER A 227 -4.47 32.70 -45.11
N ASP A 228 -3.26 32.94 -44.62
CA ASP A 228 -2.46 34.10 -45.10
C ASP A 228 -2.32 33.99 -46.62
N GLU A 229 -2.46 35.12 -47.31
CA GLU A 229 -2.27 35.22 -48.77
C GLU A 229 -1.36 36.39 -49.06
N PRO A 230 -0.18 36.18 -49.69
CA PRO A 230 0.39 34.87 -49.97
C PRO A 230 0.71 34.11 -48.69
N PRO A 231 0.82 32.77 -48.79
CA PRO A 231 1.34 31.98 -47.67
C PRO A 231 2.72 32.51 -47.30
N VAL A 232 2.95 32.66 -46.00
CA VAL A 232 4.24 33.18 -45.50
C VAL A 232 4.72 32.32 -44.32
N VAL A 233 5.92 31.78 -44.46
CA VAL A 233 6.53 30.95 -43.38
C VAL A 233 7.24 31.90 -42.42
N ARG A 234 6.53 32.34 -41.38
CA ARG A 234 7.10 33.21 -40.34
C ARG A 234 6.55 32.82 -38.98
N TYR A 235 7.37 32.99 -37.95
CA TYR A 235 7.03 32.58 -36.56
C TYR A 235 6.17 33.66 -35.92
N ASP A 236 5.00 33.25 -35.43
CA ASP A 236 3.98 34.15 -34.84
C ASP A 236 2.95 33.28 -34.13
N VAL A 237 3.17 32.99 -32.84
CA VAL A 237 2.31 32.00 -32.13
C VAL A 237 0.90 32.55 -32.03
N GLN A 238 0.75 33.87 -31.85
CA GLN A 238 -0.60 34.49 -31.73
C GLN A 238 -1.37 34.30 -33.03
N ASN A 239 -0.79 34.70 -34.16
CA ASN A 239 -1.54 34.80 -35.44
C ASN A 239 -1.31 33.58 -36.35
N LYS A 240 -0.20 32.86 -36.17
CA LYS A 240 0.15 31.71 -37.07
C LYS A 240 0.57 30.52 -36.22
N ALA A 241 -0.33 30.04 -35.37
CA ALA A 241 0.00 28.99 -34.38
C ALA A 241 0.48 27.72 -35.09
N GLY A 242 -0.19 27.30 -36.16
CA GLY A 242 0.15 26.05 -36.85
C GLY A 242 1.49 26.12 -37.56
N VAL A 243 1.73 27.19 -38.30
CA VAL A 243 3.01 27.37 -39.04
C VAL A 243 4.14 27.49 -38.01
N SER A 244 3.90 28.23 -36.92
CA SER A 244 4.91 28.41 -35.85
C SER A 244 5.30 27.05 -35.27
N ASN A 245 4.31 26.20 -35.05
CA ASN A 245 4.54 24.84 -34.48
C ASN A 245 5.41 24.03 -35.44
N LEU A 246 5.09 24.07 -36.74
CA LEU A 246 5.89 23.33 -37.74
C LEU A 246 7.34 23.84 -37.70
N LEU A 247 7.53 25.15 -37.56
CA LEU A 247 8.89 25.74 -37.49
C LEU A 247 9.60 25.27 -36.22
N ASP A 248 8.91 25.27 -35.09
CA ASP A 248 9.50 24.86 -33.79
C ASP A 248 9.90 23.38 -33.86
N ILE A 249 9.07 22.54 -34.47
CA ILE A 249 9.41 21.10 -34.63
C ILE A 249 10.65 21.00 -35.52
N LEU A 250 10.68 21.72 -36.64
CA LEU A 250 11.82 21.60 -37.56
C LEU A 250 13.10 22.07 -36.89
N SER A 251 13.04 23.19 -36.15
CA SER A 251 14.20 23.73 -35.42
C SER A 251 14.69 22.73 -34.36
N ALA A 252 13.77 22.09 -33.66
CA ALA A 252 14.12 21.13 -32.58
C ALA A 252 14.81 19.90 -33.17
N VAL A 253 14.42 19.48 -34.37
CA VAL A 253 15.06 18.31 -35.02
C VAL A 253 16.45 18.71 -35.55
N THR A 254 16.54 19.81 -36.31
CA THR A 254 17.75 20.11 -37.13
C THR A 254 18.77 20.93 -36.34
N GLY A 255 18.35 21.65 -35.31
CA GLY A 255 19.24 22.60 -34.60
C GLY A 255 19.36 23.94 -35.31
N GLN A 256 18.68 24.12 -36.45
CA GLN A 256 18.68 25.42 -37.19
C GLN A 256 17.80 26.42 -36.45
N SER A 257 18.20 27.68 -36.43
CA SER A 257 17.46 28.75 -35.71
C SER A 257 16.17 29.06 -36.46
N ILE A 258 15.17 29.54 -35.73
CA ILE A 258 13.90 30.03 -36.33
C ILE A 258 14.21 31.10 -37.38
N PRO A 259 15.04 32.14 -37.10
CA PRO A 259 15.38 33.11 -38.13
C PRO A 259 16.06 32.50 -39.37
N GLU A 260 16.93 31.51 -39.16
CA GLU A 260 17.57 30.81 -40.31
C GLU A 260 16.49 30.12 -41.13
N LEU A 261 15.54 29.44 -40.49
CA LEU A 261 14.50 28.70 -41.24
C LEU A 261 13.59 29.69 -41.97
N GLU A 262 13.25 30.81 -41.32
CA GLU A 262 12.42 31.85 -41.96
C GLU A 262 13.09 32.31 -43.26
N LYS A 263 14.41 32.51 -43.22
CA LYS A 263 15.16 32.91 -44.44
C LYS A 263 15.07 31.79 -45.48
N GLN A 264 15.23 30.54 -45.05
CA GLN A 264 15.29 29.36 -45.95
C GLN A 264 13.96 29.17 -46.68
N PHE A 265 12.85 29.57 -46.07
CA PHE A 265 11.48 29.35 -46.63
C PHE A 265 10.86 30.64 -47.18
N GLU A 266 11.67 31.70 -47.40
CA GLU A 266 11.16 32.93 -48.05
C GLU A 266 10.66 32.59 -49.46
N GLY A 267 9.46 33.05 -49.81
CA GLY A 267 8.85 32.76 -51.13
C GLY A 267 8.33 31.34 -51.24
N LYS A 268 8.35 30.56 -50.15
CA LYS A 268 7.92 29.14 -50.17
C LYS A 268 6.52 29.02 -49.58
N MET A 269 5.84 27.95 -49.94
CA MET A 269 4.45 27.70 -49.49
C MET A 269 4.48 26.70 -48.34
N TYR A 270 3.33 26.49 -47.70
CA TYR A 270 3.25 25.62 -46.51
C TYR A 270 3.50 24.16 -46.89
N GLY A 271 3.20 23.79 -48.13
CA GLY A 271 3.49 22.43 -48.64
C GLY A 271 4.98 22.12 -48.57
N HIS A 272 5.84 23.09 -48.89
CA HIS A 272 7.32 22.90 -48.81
C HIS A 272 7.73 22.72 -47.35
N LEU A 273 7.22 23.58 -46.46
CA LEU A 273 7.53 23.49 -45.02
C LEU A 273 7.14 22.09 -44.50
N LYS A 274 5.94 21.64 -44.81
CA LYS A 274 5.43 20.32 -44.32
C LYS A 274 6.30 19.19 -44.85
N GLY A 275 6.72 19.26 -46.12
CA GLY A 275 7.59 18.23 -46.71
C GLY A 275 8.92 18.13 -45.96
N GLU A 276 9.51 19.26 -45.62
CA GLU A 276 10.81 19.29 -44.88
C GLU A 276 10.61 18.82 -43.44
N VAL A 277 9.51 19.21 -42.80
CA VAL A 277 9.25 18.77 -41.40
C VAL A 277 9.15 17.24 -41.39
N ALA A 278 8.38 16.66 -42.29
CA ALA A 278 8.18 15.19 -42.29
C ALA A 278 9.53 14.49 -42.51
N ASP A 279 10.34 14.98 -43.45
CA ASP A 279 11.63 14.34 -43.77
C ASP A 279 12.57 14.44 -42.56
N ALA A 280 12.62 15.61 -41.92
CA ALA A 280 13.48 15.84 -40.75
C ALA A 280 13.04 14.90 -39.61
N VAL A 281 11.75 14.88 -39.31
CA VAL A 281 11.21 14.05 -38.18
C VAL A 281 11.54 12.59 -38.46
N SER A 282 11.21 12.07 -39.65
CA SER A 282 11.41 10.63 -39.96
C SER A 282 12.90 10.29 -39.92
N GLY A 283 13.78 11.22 -40.32
CA GLY A 283 15.25 11.02 -40.22
C GLY A 283 15.68 10.82 -38.78
N MET A 284 15.12 11.59 -37.86
CA MET A 284 15.42 11.47 -36.41
C MET A 284 14.86 10.15 -35.86
N LEU A 285 13.68 9.72 -36.29
CA LEU A 285 13.02 8.52 -35.71
C LEU A 285 13.67 7.23 -36.24
N THR A 286 14.14 7.22 -37.47
CA THR A 286 14.74 5.99 -38.06
C THR A 286 15.81 5.42 -37.13
N GLU A 287 16.74 6.25 -36.65
CA GLU A 287 17.82 5.79 -35.76
C GLU A 287 17.25 5.33 -34.41
N LEU A 288 16.27 6.07 -33.86
CA LEU A 288 15.61 5.64 -32.60
C LEU A 288 14.93 4.29 -32.82
N GLN A 289 14.26 4.14 -33.97
CA GLN A 289 13.45 2.92 -34.23
C GLN A 289 14.36 1.72 -34.45
N GLU A 290 15.50 1.89 -35.12
CA GLU A 290 16.46 0.78 -35.29
C GLU A 290 16.87 0.25 -33.91
N ARG A 291 17.35 1.14 -33.03
CA ARG A 291 17.77 0.77 -31.66
C ARG A 291 16.60 0.11 -30.93
N TYR A 292 15.40 0.68 -31.01
CA TYR A 292 14.25 0.16 -30.25
C TYR A 292 13.98 -1.30 -30.64
N HIS A 293 13.82 -1.57 -31.93
CA HIS A 293 13.46 -2.95 -32.35
C HIS A 293 14.60 -3.91 -31.99
N ARG A 294 15.84 -3.43 -32.03
CA ARG A 294 17.01 -4.26 -31.65
C ARG A 294 16.91 -4.61 -30.17
N PHE A 295 16.65 -3.63 -29.31
CA PHE A 295 16.55 -3.85 -27.84
C PHE A 295 15.29 -4.61 -27.50
N ARG A 296 14.16 -4.24 -28.12
CA ARG A 296 12.84 -4.77 -27.70
C ARG A 296 12.78 -6.28 -27.95
N ASN A 297 13.49 -6.76 -28.96
CA ASN A 297 13.41 -8.19 -29.36
C ASN A 297 14.56 -9.00 -28.75
N ASP A 298 15.36 -8.41 -27.86
CA ASP A 298 16.47 -9.08 -27.16
C ASP A 298 16.06 -9.37 -25.72
N GLU A 299 15.38 -10.49 -25.49
CA GLU A 299 14.77 -10.82 -24.17
C GLU A 299 15.86 -10.88 -23.10
N ALA A 300 17.02 -11.46 -23.40
CA ALA A 300 18.09 -11.66 -22.40
C ALA A 300 18.68 -10.30 -22.01
N PHE A 301 18.84 -9.39 -22.95
CA PHE A 301 19.33 -8.02 -22.66
C PHE A 301 18.35 -7.31 -21.72
N LEU A 302 17.05 -7.35 -22.05
CA LEU A 302 16.03 -6.65 -21.24
C LEU A 302 15.96 -7.26 -19.84
N GLN A 303 16.04 -8.60 -19.75
CA GLN A 303 16.00 -9.30 -18.45
C GLN A 303 17.21 -8.89 -17.60
N GLN A 304 18.37 -8.72 -18.23
CA GLN A 304 19.59 -8.36 -17.47
C GLN A 304 19.54 -6.90 -17.03
N VAL A 305 19.01 -6.01 -17.89
CA VAL A 305 18.81 -4.58 -17.49
C VAL A 305 17.90 -4.55 -16.27
N MET A 306 16.77 -5.25 -16.32
CA MET A 306 15.79 -5.21 -15.21
C MET A 306 16.40 -5.80 -13.94
N LYS A 307 17.15 -6.90 -14.06
CA LYS A 307 17.77 -7.55 -12.88
C LYS A 307 18.81 -6.62 -12.25
N ASP A 308 19.69 -6.04 -13.06
CA ASP A 308 20.74 -5.12 -12.56
C ASP A 308 20.09 -3.88 -11.95
N GLY A 309 19.07 -3.33 -12.61
CA GLY A 309 18.41 -2.11 -12.13
C GLY A 309 17.72 -2.34 -10.80
N ALA A 310 16.95 -3.41 -10.66
CA ALA A 310 16.24 -3.73 -9.40
C ALA A 310 17.25 -3.98 -8.28
N GLU A 311 18.39 -4.59 -8.58
CA GLU A 311 19.42 -4.85 -7.55
C GLU A 311 20.00 -3.51 -7.05
N LYS A 312 20.33 -2.60 -7.97
CA LYS A 312 20.85 -1.27 -7.60
C LYS A 312 19.80 -0.52 -6.78
N ALA A 313 18.57 -0.47 -7.27
CA ALA A 313 17.49 0.28 -6.59
C ALA A 313 17.24 -0.32 -5.20
N SER A 314 17.16 -1.64 -5.08
CA SER A 314 16.84 -2.29 -3.79
C SER A 314 17.93 -1.99 -2.76
N ALA A 315 19.19 -1.98 -3.17
CA ALA A 315 20.29 -1.71 -2.23
C ALA A 315 20.10 -0.32 -1.61
N HIS A 316 19.73 0.67 -2.40
CA HIS A 316 19.50 2.05 -1.91
C HIS A 316 18.18 2.14 -1.13
N ALA A 317 17.12 1.56 -1.67
CA ALA A 317 15.77 1.60 -1.06
C ALA A 317 15.80 0.90 0.31
N SER A 318 16.51 -0.22 0.42
CA SER A 318 16.58 -0.98 1.70
C SER A 318 17.23 -0.12 2.79
N ARG A 319 18.21 0.71 2.43
CA ARG A 319 18.89 1.57 3.42
C ARG A 319 17.90 2.58 3.99
N THR A 320 17.12 3.25 3.14
CA THR A 320 16.12 4.22 3.61
C THR A 320 15.03 3.50 4.42
N LEU A 321 14.52 2.37 3.91
CA LEU A 321 13.41 1.69 4.60
C LEU A 321 13.87 1.24 5.99
N LYS A 322 15.12 0.77 6.11
CA LYS A 322 15.60 0.32 7.44
C LYS A 322 15.61 1.50 8.41
N ALA A 323 16.02 2.69 7.96
CA ALA A 323 16.03 3.89 8.83
C ALA A 323 14.61 4.30 9.19
N VAL A 324 13.67 4.13 8.27
CA VAL A 324 12.24 4.46 8.56
C VAL A 324 11.69 3.49 9.61
N TYR A 325 11.88 2.19 9.40
CA TYR A 325 11.38 1.15 10.33
C TYR A 325 12.02 1.34 11.71
N GLU A 326 13.29 1.66 11.77
CA GLU A 326 13.96 1.87 13.08
C GLU A 326 13.34 3.08 13.79
N ALA A 327 13.07 4.17 13.07
CA ALA A 327 12.46 5.40 13.63
C ALA A 327 11.06 5.13 14.15
N ILE A 328 10.28 4.37 13.39
CA ILE A 328 8.88 4.03 13.81
C ILE A 328 8.92 3.12 15.04
N GLY A 329 9.88 2.22 15.14
CA GLY A 329 10.03 1.34 16.30
C GLY A 329 9.76 -0.12 15.99
N PHE A 330 9.56 -0.48 14.73
CA PHE A 330 9.32 -1.90 14.37
C PHE A 330 10.51 -2.75 14.82
N VAL A 331 10.22 -3.94 15.32
CA VAL A 331 11.26 -4.95 15.59
C VAL A 331 11.94 -5.32 14.26
N ALA A 332 13.26 -5.27 14.21
CA ALA A 332 14.01 -5.53 12.96
C ALA A 332 13.84 -6.99 12.54
N LYS A 333 13.67 -7.22 11.23
CA LYS A 333 13.54 -8.59 10.67
C LYS A 333 14.80 -9.39 11.00
N ARG A 334 14.58 -10.68 11.19
CA ARG A 334 15.61 -11.67 11.59
C ARG A 334 15.96 -12.42 10.30
N HIS A 335 17.13 -12.20 9.73
CA HIS A 335 17.52 -12.87 8.46
C HIS A 335 17.98 -14.29 8.77
N THR B 2 -2.95 -31.89 2.56
CA THR B 2 -2.65 -30.65 3.31
C THR B 2 -3.89 -30.23 4.10
N LYS B 3 -3.67 -29.74 5.31
CA LYS B 3 -4.75 -29.27 6.21
C LYS B 3 -5.26 -27.92 5.70
N PRO B 4 -6.54 -27.60 5.95
CA PRO B 4 -7.04 -26.25 5.74
C PRO B 4 -6.22 -25.26 6.59
N ILE B 5 -6.18 -24.02 6.12
CA ILE B 5 -5.32 -23.00 6.76
C ILE B 5 -6.14 -22.05 7.61
N VAL B 6 -5.60 -21.74 8.77
CA VAL B 6 -6.14 -20.75 9.73
C VAL B 6 -5.16 -19.57 9.75
N PHE B 7 -5.67 -18.36 9.69
CA PHE B 7 -4.85 -17.15 9.84
C PHE B 7 -5.57 -16.16 10.75
N SER B 8 -4.82 -15.51 11.64
CA SER B 8 -5.41 -14.41 12.43
C SER B 8 -4.29 -13.56 12.99
N GLY B 9 -4.62 -12.35 13.38
CA GLY B 9 -3.64 -11.37 13.86
C GLY B 9 -4.14 -10.57 15.03
N ALA B 10 -3.21 -9.99 15.76
CA ALA B 10 -3.52 -9.04 16.85
C ALA B 10 -2.50 -7.90 16.85
N GLN B 11 -2.94 -6.71 17.22
CA GLN B 11 -2.11 -5.48 17.18
C GLN B 11 -1.21 -5.39 18.41
N PRO B 12 0.08 -5.07 18.23
CA PRO B 12 0.96 -4.74 19.36
C PRO B 12 0.82 -3.28 19.77
N SER B 13 -0.40 -2.95 20.19
CA SER B 13 -0.75 -1.61 20.73
C SER B 13 -1.72 -1.84 21.87
N GLY B 14 -1.81 -0.89 22.79
CA GLY B 14 -2.63 -1.12 23.98
C GLY B 14 -2.11 -2.30 24.78
N GLU B 15 -3.00 -2.94 25.53
CA GLU B 15 -2.64 -4.10 26.36
C GLU B 15 -3.75 -5.13 26.19
N LEU B 16 -3.42 -6.31 25.68
CA LEU B 16 -4.47 -7.30 25.33
C LEU B 16 -5.28 -7.65 26.58
N THR B 17 -6.58 -7.83 26.38
CA THR B 17 -7.54 -8.02 27.50
C THR B 17 -8.13 -9.43 27.44
N ILE B 18 -8.92 -9.75 28.46
CA ILE B 18 -9.69 -11.01 28.48
C ILE B 18 -10.63 -11.03 27.28
N GLY B 19 -11.02 -9.86 26.76
CA GLY B 19 -11.83 -9.80 25.53
C GLY B 19 -11.06 -10.34 24.34
N ASN B 20 -9.83 -9.87 24.15
CA ASN B 20 -8.96 -10.37 23.07
C ASN B 20 -8.75 -11.87 23.24
N TYR B 21 -8.60 -12.33 24.47
CA TYR B 21 -8.37 -13.77 24.74
C TYR B 21 -9.60 -14.59 24.34
N MET B 22 -10.78 -14.26 24.85
CA MET B 22 -11.97 -15.11 24.63
C MET B 22 -12.47 -15.02 23.19
N GLY B 23 -12.35 -13.86 22.54
CA GLY B 23 -12.85 -13.69 21.17
C GLY B 23 -11.89 -14.27 20.13
N ALA B 24 -10.63 -14.46 20.49
CA ALA B 24 -9.61 -14.79 19.48
C ALA B 24 -8.61 -15.81 20.00
N LEU B 25 -7.73 -15.40 20.90
CA LEU B 25 -6.56 -16.21 21.28
C LEU B 25 -7.00 -17.60 21.74
N ARG B 26 -8.10 -17.70 22.48
CA ARG B 26 -8.59 -19.01 22.96
C ARG B 26 -8.81 -19.94 21.76
N GLN B 27 -9.45 -19.44 20.71
CA GLN B 27 -9.72 -20.26 19.51
C GLN B 27 -8.40 -20.57 18.82
N TRP B 28 -7.50 -19.60 18.75
CA TRP B 28 -6.18 -19.84 18.10
C TRP B 28 -5.50 -21.05 18.73
N VAL B 29 -5.51 -21.15 20.05
CA VAL B 29 -4.76 -22.23 20.73
C VAL B 29 -5.45 -23.55 20.43
N ASN B 30 -6.75 -23.56 20.45
CA ASN B 30 -7.56 -24.80 20.28
C ASN B 30 -7.52 -25.32 18.84
N MET B 31 -7.18 -24.49 17.85
CA MET B 31 -7.23 -24.90 16.41
C MET B 31 -5.90 -25.51 15.93
N GLN B 32 -4.83 -25.51 16.74
CA GLN B 32 -3.45 -25.77 16.25
C GLN B 32 -3.22 -27.18 15.69
N ASP B 33 -3.91 -28.20 16.17
CA ASP B 33 -3.69 -29.57 15.61
C ASP B 33 -4.66 -29.81 14.45
N ASP B 34 -5.89 -29.34 14.59
CA ASP B 34 -6.97 -29.60 13.63
C ASP B 34 -6.67 -28.92 12.28
N TYR B 35 -5.99 -27.79 12.31
CA TYR B 35 -5.76 -26.99 11.09
C TYR B 35 -4.31 -26.54 11.06
N HIS B 36 -3.87 -26.07 9.90
CA HIS B 36 -2.53 -25.48 9.72
C HIS B 36 -2.64 -23.99 10.09
N CYS B 37 -2.12 -23.61 11.26
CA CYS B 37 -2.39 -22.27 11.83
C CYS B 37 -1.22 -21.32 11.67
N ILE B 38 -1.56 -20.09 11.33
CA ILE B 38 -0.59 -18.99 11.09
C ILE B 38 -1.10 -17.79 11.87
N TYR B 39 -0.29 -17.29 12.79
CA TYR B 39 -0.69 -16.18 13.68
C TYR B 39 0.30 -15.04 13.56
N CYS B 40 -0.22 -13.83 13.47
CA CYS B 40 0.59 -12.66 13.07
C CYS B 40 0.49 -11.57 14.14
N ILE B 41 1.60 -10.92 14.42
CA ILE B 41 1.63 -9.67 15.23
C ILE B 41 1.61 -8.51 14.24
N VAL B 42 0.49 -7.81 14.13
CA VAL B 42 0.27 -6.89 12.99
C VAL B 42 0.76 -5.49 13.39
N ASP B 43 2.07 -5.32 13.40
CA ASP B 43 2.68 -4.01 13.77
C ASP B 43 2.37 -2.94 12.72
N GLN B 44 2.21 -3.28 11.45
CA GLN B 44 1.86 -2.28 10.41
C GLN B 44 0.44 -1.76 10.62
N HIS B 45 -0.47 -2.59 11.13
CA HIS B 45 -1.82 -2.11 11.48
C HIS B 45 -1.75 -1.24 12.73
N ALA B 46 -0.89 -1.60 13.68
CA ALA B 46 -0.84 -0.89 14.98
C ALA B 46 -0.57 0.61 14.74
N ILE B 47 0.23 0.94 13.73
CA ILE B 47 0.71 2.35 13.56
C ILE B 47 -0.35 3.22 12.89
N THR B 48 -1.55 2.71 12.62
CA THR B 48 -2.68 3.56 12.18
C THR B 48 -3.15 4.44 13.34
N VAL B 49 -2.79 4.09 14.56
CA VAL B 49 -2.89 5.00 15.74
C VAL B 49 -1.46 5.33 16.15
N ARG B 50 -1.18 6.60 16.39
CA ARG B 50 0.21 7.05 16.62
C ARG B 50 0.77 6.35 17.86
N GLN B 51 1.91 5.69 17.67
CA GLN B 51 2.62 4.96 18.75
C GLN B 51 3.94 5.66 19.08
N ASP B 52 4.32 5.62 20.33
CA ASP B 52 5.72 5.89 20.77
C ASP B 52 6.62 4.76 20.25
N ALA B 53 7.78 5.08 19.67
CA ALA B 53 8.65 4.06 19.03
C ALA B 53 9.10 3.01 20.06
N GLN B 54 9.49 3.42 21.26
CA GLN B 54 9.95 2.42 22.27
C GLN B 54 8.76 1.57 22.73
N LYS B 55 7.58 2.15 22.90
CA LYS B 55 6.39 1.38 23.35
C LYS B 55 6.02 0.33 22.28
N LEU B 56 6.09 0.72 21.01
CA LEU B 56 5.69 -0.19 19.92
C LEU B 56 6.65 -1.39 19.85
N ARG B 57 7.94 -1.14 19.98
CA ARG B 57 8.93 -2.25 19.92
C ARG B 57 8.70 -3.17 21.11
N LYS B 58 8.53 -2.60 22.29
CA LYS B 58 8.32 -3.43 23.49
C LYS B 58 7.00 -4.19 23.36
N ALA B 59 5.96 -3.55 22.86
CA ALA B 59 4.62 -4.18 22.76
C ALA B 59 4.65 -5.31 21.73
N THR B 60 5.44 -5.19 20.67
CA THR B 60 5.55 -6.28 19.67
C THR B 60 6.07 -7.54 20.37
N LEU B 61 7.12 -7.40 21.16
CA LEU B 61 7.71 -8.56 21.85
C LEU B 61 6.81 -9.02 23.00
N ASP B 62 6.12 -8.10 23.68
CA ASP B 62 5.13 -8.48 24.71
C ASP B 62 4.05 -9.36 24.08
N THR B 63 3.57 -8.97 22.91
CA THR B 63 2.45 -9.69 22.24
C THR B 63 2.94 -11.08 21.84
N LEU B 64 4.14 -11.18 21.29
CA LEU B 64 4.72 -12.50 20.93
C LEU B 64 4.80 -13.40 22.17
N ALA B 65 5.31 -12.90 23.28
CA ALA B 65 5.43 -13.73 24.49
C ALA B 65 4.04 -14.11 25.03
N LEU B 66 3.06 -13.23 24.87
CA LEU B 66 1.67 -13.51 25.30
C LEU B 66 1.08 -14.63 24.43
N TYR B 67 1.32 -14.62 23.11
CA TYR B 67 0.88 -15.74 22.25
C TYR B 67 1.45 -17.06 22.80
N LEU B 68 2.74 -17.07 23.10
CA LEU B 68 3.40 -18.31 23.57
C LEU B 68 2.84 -18.70 24.94
N ALA B 69 2.59 -17.73 25.80
CA ALA B 69 2.07 -18.01 27.17
C ALA B 69 0.65 -18.60 27.09
N CYS B 70 -0.14 -18.16 26.13
CA CYS B 70 -1.53 -18.68 25.94
C CYS B 70 -1.50 -20.13 25.45
N GLY B 71 -0.37 -20.61 24.92
CA GLY B 71 -0.26 -21.98 24.41
C GLY B 71 -0.07 -22.08 22.91
N ILE B 72 0.14 -20.95 22.22
CA ILE B 72 0.51 -21.02 20.78
C ILE B 72 1.92 -21.62 20.72
N ASP B 73 2.04 -22.72 20.00
CA ASP B 73 3.24 -23.59 20.01
C ASP B 73 3.98 -23.39 18.70
N PRO B 74 5.21 -22.85 18.72
CA PRO B 74 5.91 -22.58 17.47
C PRO B 74 6.34 -23.86 16.72
N GLU B 75 6.20 -25.03 17.35
CA GLU B 75 6.45 -26.32 16.66
C GLU B 75 5.20 -26.76 15.88
N LYS B 76 4.04 -26.18 16.19
CA LYS B 76 2.75 -26.52 15.52
C LYS B 76 2.26 -25.38 14.63
N SER B 77 2.46 -24.15 15.06
CA SER B 77 1.94 -22.96 14.33
C SER B 77 3.10 -22.10 13.83
N THR B 78 2.79 -21.34 12.80
CA THR B 78 3.69 -20.27 12.31
C THR B 78 3.34 -18.99 13.06
N ILE B 79 4.33 -18.37 13.69
CA ILE B 79 4.13 -17.10 14.43
C ILE B 79 5.11 -16.09 13.85
N PHE B 80 4.62 -14.94 13.43
CA PHE B 80 5.51 -13.94 12.80
C PHE B 80 5.01 -12.52 12.98
N VAL B 81 5.94 -11.61 12.75
CA VAL B 81 5.70 -10.16 12.82
C VAL B 81 5.40 -9.67 11.40
N GLN B 82 4.28 -8.98 11.23
CA GLN B 82 3.75 -8.55 9.92
C GLN B 82 4.81 -7.81 9.09
N SER B 83 5.50 -6.84 9.67
CA SER B 83 6.45 -6.01 8.91
C SER B 83 7.64 -6.85 8.40
N HIS B 84 7.86 -8.04 8.93
CA HIS B 84 8.97 -8.91 8.47
C HIS B 84 8.67 -9.55 7.12
N VAL B 85 7.45 -9.44 6.63
CA VAL B 85 7.06 -10.12 5.37
C VAL B 85 6.59 -9.05 4.40
N PRO B 86 7.45 -8.60 3.46
CA PRO B 86 7.09 -7.50 2.57
C PRO B 86 5.84 -7.74 1.73
N GLU B 87 5.53 -9.02 1.49
CA GLU B 87 4.40 -9.41 0.61
C GLU B 87 3.09 -8.82 1.15
N HIS B 88 2.98 -8.61 2.46
CA HIS B 88 1.75 -8.02 3.04
C HIS B 88 1.49 -6.63 2.42
N ALA B 89 2.48 -5.75 2.49
CA ALA B 89 2.36 -4.40 1.88
C ALA B 89 2.22 -4.50 0.35
N GLN B 90 2.96 -5.40 -0.28
CA GLN B 90 2.90 -5.52 -1.76
C GLN B 90 1.49 -5.94 -2.19
N LEU B 91 0.93 -6.98 -1.58
CA LEU B 91 -0.42 -7.40 -1.99
C LEU B 91 -1.43 -6.34 -1.57
N GLY B 92 -1.21 -5.68 -0.44
CA GLY B 92 -2.12 -4.61 0.01
C GLY B 92 -2.28 -3.53 -1.04
N TRP B 93 -1.18 -3.08 -1.63
CA TRP B 93 -1.29 -2.04 -2.69
C TRP B 93 -2.15 -2.57 -3.85
N ALA B 94 -1.81 -3.76 -4.36
CA ALA B 94 -2.57 -4.38 -5.47
C ALA B 94 -4.06 -4.44 -5.10
N LEU B 95 -4.41 -4.85 -3.90
CA LEU B 95 -5.85 -5.00 -3.53
C LEU B 95 -6.52 -3.64 -3.35
N ASN B 96 -5.79 -2.56 -3.04
CA ASN B 96 -6.41 -1.21 -3.10
C ASN B 96 -7.12 -1.00 -4.44
N CYS B 97 -6.55 -1.52 -5.53
CA CYS B 97 -7.07 -1.26 -6.88
C CYS B 97 -8.31 -2.12 -7.17
N TYR B 98 -8.65 -3.03 -6.26
CA TYR B 98 -9.86 -3.91 -6.39
C TYR B 98 -10.80 -3.70 -5.21
N THR B 99 -10.67 -2.57 -4.54
CA THR B 99 -11.52 -2.18 -3.38
C THR B 99 -12.12 -0.83 -3.70
N TYR B 100 -13.39 -0.65 -3.37
CA TYR B 100 -14.09 0.62 -3.65
C TYR B 100 -13.99 1.55 -2.45
N PHE B 101 -13.83 2.84 -2.74
CA PHE B 101 -13.78 3.90 -1.72
C PHE B 101 -14.97 3.76 -0.76
N GLY B 102 -16.17 3.50 -1.29
CA GLY B 102 -17.40 3.42 -0.47
C GLY B 102 -17.38 2.22 0.46
N GLU B 103 -16.74 1.12 0.07
CA GLU B 103 -16.58 -0.06 0.96
C GLU B 103 -15.74 0.30 2.18
N LEU B 104 -14.82 1.25 2.06
CA LEU B 104 -13.93 1.66 3.18
C LEU B 104 -14.58 2.76 4.01
N SER B 105 -15.27 3.71 3.38
CA SER B 105 -15.85 4.86 4.10
C SER B 105 -16.95 4.38 5.05
N ARG B 106 -17.60 3.26 4.74
CA ARG B 106 -18.76 2.74 5.53
C ARG B 106 -18.29 1.90 6.73
N MET B 107 -16.99 1.71 6.94
CA MET B 107 -16.51 0.80 8.01
C MET B 107 -16.73 1.42 9.40
N THR B 108 -17.31 0.63 10.30
CA THR B 108 -17.54 1.03 11.71
C THR B 108 -16.22 1.35 12.43
N GLN B 109 -15.15 0.56 12.21
CA GLN B 109 -13.89 0.79 12.95
C GLN B 109 -13.32 2.16 12.54
N PHE B 110 -13.30 2.48 11.25
CA PHE B 110 -12.77 3.77 10.78
C PHE B 110 -13.56 4.91 11.42
N LYS B 111 -14.89 4.75 11.52
CA LYS B 111 -15.74 5.84 12.05
C LYS B 111 -15.47 6.04 13.53
N ASP B 112 -15.43 4.93 14.29
CA ASP B 112 -15.16 4.97 15.75
C ASP B 112 -13.74 5.51 16.00
N LYS B 113 -12.73 5.00 15.29
CA LYS B 113 -11.33 5.41 15.52
C LYS B 113 -11.17 6.89 15.14
N SER B 114 -11.84 7.33 14.09
CA SER B 114 -11.76 8.72 13.60
C SER B 114 -12.32 9.67 14.67
N ALA B 115 -13.40 9.27 15.34
CA ALA B 115 -14.03 10.09 16.39
C ALA B 115 -13.10 10.15 17.61
N ARG B 116 -12.37 9.08 17.89
CA ARG B 116 -11.51 9.02 19.09
C ARG B 116 -10.22 9.82 18.83
N TYR B 117 -9.71 9.78 17.61
CA TYR B 117 -8.41 10.41 17.24
C TYR B 117 -8.64 11.46 16.14
N ALA B 118 -9.39 12.51 16.43
CA ALA B 118 -9.78 13.52 15.40
C ALA B 118 -8.54 14.23 14.86
N GLU B 119 -7.45 14.28 15.61
CA GLU B 119 -6.20 14.97 15.22
C GLU B 119 -5.31 14.07 14.37
N ASN B 120 -5.66 12.80 14.19
CA ASN B 120 -4.83 11.88 13.35
C ASN B 120 -5.76 10.98 12.54
N ILE B 121 -6.65 11.57 11.75
CA ILE B 121 -7.46 10.79 10.77
C ILE B 121 -6.57 10.58 9.54
N ASN B 122 -5.78 9.51 9.58
CA ASN B 122 -4.76 9.24 8.54
C ASN B 122 -5.30 8.25 7.51
N ALA B 123 -4.64 8.22 6.36
CA ALA B 123 -5.00 7.34 5.22
C ALA B 123 -4.80 5.87 5.60
N GLY B 124 -3.84 5.57 6.47
CA GLY B 124 -3.66 4.18 6.93
C GLY B 124 -4.89 3.71 7.70
N LEU B 125 -5.43 4.55 8.57
CA LEU B 125 -6.64 4.22 9.34
C LEU B 125 -7.80 3.92 8.37
N PHE B 126 -7.92 4.72 7.31
CA PHE B 126 -8.98 4.52 6.30
C PHE B 126 -8.74 3.23 5.51
N ASP B 127 -7.48 2.97 5.17
CA ASP B 127 -7.08 1.86 4.27
C ASP B 127 -6.88 0.56 5.05
N TYR B 128 -7.02 0.61 6.37
CA TYR B 128 -6.85 -0.54 7.31
C TYR B 128 -7.43 -1.83 6.73
N PRO B 129 -8.70 -1.89 6.27
CA PRO B 129 -9.27 -3.16 5.85
C PRO B 129 -8.59 -3.81 4.64
N VAL B 130 -7.93 -3.00 3.79
CA VAL B 130 -7.27 -3.52 2.58
C VAL B 130 -6.01 -4.27 2.99
N LEU B 131 -5.21 -3.71 3.89
CA LEU B 131 -4.02 -4.44 4.38
C LEU B 131 -4.47 -5.72 5.10
N MET B 132 -5.58 -5.67 5.83
CA MET B 132 -6.05 -6.89 6.53
C MET B 132 -6.51 -7.95 5.51
N ALA B 133 -7.15 -7.56 4.41
CA ALA B 133 -7.52 -8.53 3.36
C ALA B 133 -6.24 -9.15 2.77
N ALA B 134 -5.22 -8.34 2.53
CA ALA B 134 -3.90 -8.85 2.06
C ALA B 134 -3.34 -9.87 3.06
N ASP B 135 -3.37 -9.56 4.34
CA ASP B 135 -2.84 -10.46 5.40
C ASP B 135 -3.49 -11.85 5.24
N ILE B 136 -4.81 -11.87 5.08
CA ILE B 136 -5.57 -13.16 5.04
C ILE B 136 -5.33 -13.87 3.70
N LEU B 137 -5.48 -13.15 2.60
CA LEU B 137 -5.49 -13.79 1.25
C LEU B 137 -4.11 -14.31 0.87
N LEU B 138 -3.03 -13.77 1.43
CA LEU B 138 -1.67 -14.24 1.07
C LEU B 138 -1.51 -15.73 1.38
N TYR B 139 -2.17 -16.24 2.41
CA TYR B 139 -1.89 -17.60 2.95
C TYR B 139 -2.92 -18.61 2.50
N GLN B 140 -3.73 -18.30 1.48
CA GLN B 140 -4.76 -19.26 0.99
C GLN B 140 -5.61 -19.69 2.19
N THR B 141 -5.99 -18.72 3.01
CA THR B 141 -6.64 -18.94 4.31
C THR B 141 -8.07 -19.46 4.12
N ASN B 142 -8.42 -20.50 4.86
CA ASN B 142 -9.81 -21.02 4.88
C ASN B 142 -10.60 -20.45 6.07
N LEU B 143 -9.99 -20.28 7.24
CA LEU B 143 -10.72 -19.88 8.46
C LEU B 143 -9.98 -18.74 9.17
N VAL B 144 -10.73 -17.75 9.62
CA VAL B 144 -10.16 -16.55 10.32
C VAL B 144 -10.83 -16.42 11.67
N PRO B 145 -10.21 -16.90 12.76
CA PRO B 145 -10.80 -16.75 14.10
C PRO B 145 -10.64 -15.33 14.66
N VAL B 146 -11.75 -14.63 14.78
CA VAL B 146 -11.79 -13.22 15.28
C VAL B 146 -12.98 -13.07 16.21
N GLY B 147 -13.01 -11.95 16.91
CA GLY B 147 -14.21 -11.54 17.67
C GLY B 147 -15.22 -10.87 16.75
N GLU B 148 -16.39 -10.56 17.30
CA GLU B 148 -17.52 -10.07 16.48
C GLU B 148 -17.18 -8.73 15.84
N ASP B 149 -16.35 -7.92 16.49
CA ASP B 149 -16.03 -6.55 16.01
C ASP B 149 -15.27 -6.59 14.67
N GLN B 150 -14.67 -7.72 14.29
CA GLN B 150 -13.90 -7.77 13.03
C GLN B 150 -14.74 -8.39 11.90
N LYS B 151 -16.00 -8.70 12.15
CA LYS B 151 -16.84 -9.38 11.13
C LYS B 151 -16.93 -8.52 9.86
N GLN B 152 -17.16 -7.22 10.00
CA GLN B 152 -17.31 -6.33 8.83
C GLN B 152 -16.03 -6.34 7.99
N HIS B 153 -14.88 -6.28 8.65
CA HIS B 153 -13.57 -6.35 7.95
C HIS B 153 -13.44 -7.68 7.20
N LEU B 154 -13.81 -8.80 7.85
CA LEU B 154 -13.68 -10.14 7.23
C LEU B 154 -14.60 -10.21 6.01
N GLU B 155 -15.79 -9.61 6.09
CA GLU B 155 -16.73 -9.69 4.96
C GLU B 155 -16.14 -8.96 3.75
N LEU B 156 -15.44 -7.85 3.96
CA LEU B 156 -14.80 -7.16 2.82
C LEU B 156 -13.73 -8.08 2.19
N SER B 157 -12.93 -8.77 3.00
CA SER B 157 -11.86 -9.63 2.43
C SER B 157 -12.50 -10.70 1.55
N ARG B 158 -13.67 -11.21 1.95
CA ARG B 158 -14.38 -12.21 1.11
C ARG B 158 -14.81 -11.59 -0.22
N ASP B 159 -15.32 -10.37 -0.18
CA ASP B 159 -15.76 -9.64 -1.40
C ASP B 159 -14.56 -9.38 -2.30
N ILE B 160 -13.44 -8.98 -1.73
CA ILE B 160 -12.22 -8.71 -2.55
C ILE B 160 -11.78 -10.03 -3.20
N ALA B 161 -11.74 -11.12 -2.45
CA ALA B 161 -11.26 -12.41 -2.98
C ALA B 161 -12.16 -12.83 -4.15
N GLN B 162 -13.46 -12.66 -3.99
CA GLN B 162 -14.44 -13.14 -5.01
C GLN B 162 -14.31 -12.29 -6.27
N ARG B 163 -14.16 -10.98 -6.10
CA ARG B 163 -14.05 -10.01 -7.22
C ARG B 163 -12.77 -10.31 -8.01
N PHE B 164 -11.64 -10.45 -7.33
CA PHE B 164 -10.37 -10.76 -7.99
C PHE B 164 -10.46 -12.10 -8.72
N ASN B 165 -11.01 -13.13 -8.06
CA ASN B 165 -11.08 -14.49 -8.65
C ASN B 165 -11.97 -14.47 -9.89
N ALA B 166 -13.05 -13.70 -9.87
CA ALA B 166 -13.99 -13.63 -11.00
C ALA B 166 -13.28 -13.10 -12.24
N LEU B 167 -12.26 -12.27 -12.07
CA LEU B 167 -11.53 -11.68 -13.22
C LEU B 167 -10.41 -12.61 -13.65
N TYR B 168 -9.71 -13.25 -12.70
CA TYR B 168 -8.36 -13.79 -12.96
C TYR B 168 -8.27 -15.30 -12.73
N GLY B 169 -9.26 -15.93 -12.14
CA GLY B 169 -9.20 -17.37 -11.87
C GLY B 169 -9.10 -17.67 -10.38
N GLU B 170 -8.75 -18.90 -10.03
CA GLU B 170 -8.80 -19.35 -8.61
C GLU B 170 -7.51 -18.94 -7.91
N ILE B 171 -7.29 -17.63 -7.77
CA ILE B 171 -6.02 -17.10 -7.20
C ILE B 171 -6.09 -17.17 -5.67
N PHE B 172 -7.22 -16.81 -5.11
CA PHE B 172 -7.41 -16.76 -3.65
C PHE B 172 -8.40 -17.83 -3.20
N LYS B 173 -8.27 -18.25 -1.95
CA LYS B 173 -9.37 -18.94 -1.27
C LYS B 173 -10.30 -17.89 -0.69
N VAL B 174 -11.60 -18.18 -0.66
CA VAL B 174 -12.58 -17.29 0.01
C VAL B 174 -12.61 -17.69 1.47
N PRO B 175 -12.10 -16.82 2.39
CA PRO B 175 -12.03 -17.17 3.79
C PRO B 175 -13.40 -17.12 4.46
N GLU B 176 -13.54 -17.85 5.55
CA GLU B 176 -14.76 -17.85 6.40
C GLU B 176 -14.40 -17.41 7.81
N PRO B 177 -15.26 -16.61 8.47
CA PRO B 177 -15.03 -16.24 9.86
C PRO B 177 -15.25 -17.43 10.79
N PHE B 178 -14.46 -17.48 11.86
CA PHE B 178 -14.67 -18.42 12.99
C PHE B 178 -14.84 -17.58 14.25
N ILE B 179 -16.08 -17.33 14.63
CA ILE B 179 -16.41 -16.45 15.77
C ILE B 179 -17.06 -17.32 16.84
N PRO B 180 -16.54 -17.30 18.09
CA PRO B 180 -17.02 -18.21 19.10
C PRO B 180 -18.45 -17.90 19.55
N LYS B 181 -19.10 -18.90 20.14
CA LYS B 181 -20.48 -18.73 20.67
C LYS B 181 -20.45 -17.99 22.01
N SER B 182 -19.40 -18.16 22.80
CA SER B 182 -19.18 -17.40 24.05
C SER B 182 -17.99 -16.48 23.89
N GLY B 183 -18.06 -15.30 24.48
CA GLY B 183 -16.88 -14.41 24.57
C GLY B 183 -16.54 -13.74 23.25
N ALA B 184 -17.43 -13.70 22.26
CA ALA B 184 -17.14 -13.02 20.96
C ALA B 184 -17.13 -11.50 21.12
N ARG B 185 -17.75 -10.99 22.18
CA ARG B 185 -17.87 -9.53 22.40
C ARG B 185 -17.95 -9.26 23.90
N VAL B 186 -16.83 -9.40 24.59
CA VAL B 186 -16.76 -9.12 26.04
C VAL B 186 -16.90 -7.61 26.24
N MET B 187 -17.72 -7.21 27.21
CA MET B 187 -18.08 -5.80 27.42
C MET B 187 -17.31 -5.18 28.59
N SER B 188 -17.29 -3.84 28.62
CA SER B 188 -16.59 -3.06 29.66
C SER B 188 -17.24 -3.23 31.03
N LEU B 189 -16.44 -3.30 32.08
CA LEU B 189 -16.95 -3.64 33.44
C LEU B 189 -17.81 -2.49 33.99
N LEU B 190 -17.54 -1.24 33.64
CA LEU B 190 -18.34 -0.10 34.18
C LEU B 190 -19.31 0.45 33.14
N GLU B 191 -19.25 -0.02 31.90
CA GLU B 191 -20.14 0.45 30.81
C GLU B 191 -20.45 -0.77 29.95
N PRO B 192 -21.32 -1.68 30.43
CA PRO B 192 -21.48 -2.97 29.76
C PRO B 192 -22.21 -2.92 28.42
N THR B 193 -22.55 -1.72 27.95
CA THR B 193 -23.04 -1.51 26.56
C THR B 193 -21.87 -1.20 25.60
N LYS B 194 -20.65 -1.08 26.13
CA LYS B 194 -19.45 -0.77 25.30
C LYS B 194 -18.51 -1.99 25.32
N LYS B 195 -18.02 -2.38 24.15
CA LYS B 195 -17.00 -3.45 24.01
C LYS B 195 -15.83 -3.14 24.96
N MET B 196 -15.27 -4.18 25.56
CA MET B 196 -13.99 -4.04 26.30
C MET B 196 -12.88 -3.67 25.30
N SER B 197 -12.18 -2.58 25.60
CA SER B 197 -11.14 -1.98 24.74
C SER B 197 -9.76 -2.31 25.29
N LYS B 198 -8.79 -2.56 24.41
CA LYS B 198 -7.41 -2.75 24.90
C LYS B 198 -6.69 -1.40 25.04
N SER B 199 -7.36 -0.28 24.77
CA SER B 199 -6.76 1.08 24.88
C SER B 199 -7.70 2.02 25.65
N ASP B 200 -8.41 1.50 26.64
CA ASP B 200 -9.39 2.30 27.41
C ASP B 200 -8.65 3.30 28.30
N ASP B 201 -9.11 4.56 28.32
CA ASP B 201 -8.54 5.58 29.24
C ASP B 201 -8.94 5.27 30.67
N ASN B 202 -10.06 4.56 30.87
CA ASN B 202 -10.49 4.14 32.22
C ASN B 202 -10.11 2.67 32.41
N ARG B 203 -8.99 2.41 33.09
CA ARG B 203 -8.48 1.03 33.29
C ARG B 203 -9.49 0.19 34.08
N ASN B 204 -10.42 0.80 34.80
CA ASN B 204 -11.39 0.04 35.63
C ASN B 204 -12.43 -0.67 34.75
N ASN B 205 -12.47 -0.35 33.46
CA ASN B 205 -13.38 -1.04 32.51
C ASN B 205 -12.80 -2.37 32.02
N VAL B 206 -11.52 -2.65 32.23
CA VAL B 206 -10.86 -3.76 31.48
C VAL B 206 -10.26 -4.77 32.44
N ILE B 207 -10.11 -5.98 31.94
CA ILE B 207 -9.30 -7.06 32.57
C ILE B 207 -8.12 -7.29 31.63
N GLY B 208 -6.96 -6.75 32.00
CA GLY B 208 -5.74 -6.93 31.19
C GLY B 208 -5.13 -8.29 31.45
N LEU B 209 -4.63 -8.93 30.40
CA LEU B 209 -4.05 -10.28 30.53
C LEU B 209 -2.78 -10.22 31.39
N LEU B 210 -2.09 -9.09 31.43
CA LEU B 210 -0.83 -8.98 32.21
C LEU B 210 -1.04 -8.15 33.47
N GLU B 211 -2.29 -7.82 33.82
CA GLU B 211 -2.59 -7.03 35.04
C GLU B 211 -2.46 -7.90 36.28
N ASP B 212 -2.02 -7.28 37.38
CA ASP B 212 -1.95 -7.91 38.71
C ASP B 212 -3.30 -8.55 39.02
N PRO B 213 -3.37 -9.89 39.20
CA PRO B 213 -4.65 -10.54 39.50
C PRO B 213 -5.39 -9.94 40.70
N LYS B 214 -4.66 -9.45 41.71
CA LYS B 214 -5.30 -8.78 42.87
C LYS B 214 -6.06 -7.54 42.39
N SER B 215 -5.48 -6.77 41.47
CA SER B 215 -6.12 -5.57 40.86
C SER B 215 -7.36 -5.99 40.08
N VAL B 216 -7.27 -7.11 39.36
CA VAL B 216 -8.40 -7.60 38.51
C VAL B 216 -9.57 -8.03 39.39
N VAL B 217 -9.30 -8.74 40.49
CA VAL B 217 -10.38 -9.19 41.41
C VAL B 217 -11.15 -7.98 41.97
N LYS B 218 -10.45 -6.90 42.32
CA LYS B 218 -11.12 -5.67 42.80
C LYS B 218 -12.01 -5.10 41.69
N LYS B 219 -11.55 -5.10 40.44
CA LYS B 219 -12.35 -4.52 39.32
C LYS B 219 -13.62 -5.35 39.10
N ILE B 220 -13.50 -6.66 39.23
CA ILE B 220 -14.66 -7.58 39.06
C ILE B 220 -15.72 -7.26 40.12
N LYS B 221 -15.30 -7.01 41.36
CA LYS B 221 -16.26 -6.77 42.48
C LYS B 221 -16.97 -5.43 42.29
N ARG B 222 -16.39 -4.50 41.53
CA ARG B 222 -16.98 -3.17 41.28
C ARG B 222 -17.70 -3.15 39.94
N ALA B 223 -17.72 -4.26 39.20
CA ALA B 223 -18.41 -4.33 37.90
C ALA B 223 -19.90 -4.00 38.12
N VAL B 224 -20.48 -3.19 37.24
CA VAL B 224 -21.92 -2.79 37.38
C VAL B 224 -22.83 -3.99 37.08
N THR B 225 -23.94 -4.12 37.83
CA THR B 225 -24.96 -5.21 37.67
C THR B 225 -26.26 -4.48 37.33
N ASP B 226 -27.26 -4.57 38.20
CA ASP B 226 -28.57 -3.92 37.93
C ASP B 226 -29.34 -3.76 39.23
N SER B 227 -30.52 -3.14 39.14
CA SER B 227 -31.36 -2.75 40.30
C SER B 227 -32.42 -3.83 40.60
N ASP B 228 -32.33 -5.00 39.95
CA ASP B 228 -33.38 -6.04 40.11
C ASP B 228 -33.58 -6.37 41.60
N GLU B 229 -34.85 -6.45 41.99
CA GLU B 229 -35.23 -6.81 43.38
C GLU B 229 -36.26 -7.93 43.32
N PRO B 230 -35.93 -9.17 43.74
CA PRO B 230 -34.60 -9.54 44.24
C PRO B 230 -33.54 -9.63 43.16
N PRO B 231 -32.24 -9.53 43.53
CA PRO B 231 -31.17 -9.77 42.56
C PRO B 231 -31.29 -11.22 42.08
N VAL B 232 -31.14 -11.40 40.77
CA VAL B 232 -31.27 -12.75 40.14
C VAL B 232 -30.21 -12.86 39.07
N VAL B 233 -29.51 -14.00 39.09
CA VAL B 233 -28.45 -14.27 38.09
C VAL B 233 -29.11 -14.92 36.88
N ARG B 234 -29.29 -14.15 35.81
CA ARG B 234 -29.98 -14.59 34.58
C ARG B 234 -29.46 -13.79 33.40
N TYR B 235 -29.28 -14.48 32.27
CA TYR B 235 -28.73 -13.87 31.03
C TYR B 235 -29.83 -13.11 30.30
N ASP B 236 -29.59 -11.81 30.06
CA ASP B 236 -30.54 -10.89 29.39
C ASP B 236 -29.75 -9.63 29.05
N VAL B 237 -29.25 -9.52 27.83
CA VAL B 237 -28.28 -8.44 27.48
C VAL B 237 -28.99 -7.09 27.53
N GLN B 238 -30.27 -7.06 27.16
CA GLN B 238 -31.03 -5.79 27.07
C GLN B 238 -31.27 -5.21 28.47
N ASN B 239 -31.69 -6.04 29.43
CA ASN B 239 -32.13 -5.56 30.77
C ASN B 239 -31.07 -5.85 31.85
N LYS B 240 -30.11 -6.74 31.61
CA LYS B 240 -29.12 -7.13 32.65
C LYS B 240 -27.74 -7.24 32.01
N ALA B 241 -27.28 -6.15 31.39
CA ALA B 241 -26.03 -6.16 30.58
C ALA B 241 -24.84 -6.57 31.43
N GLY B 242 -24.72 -6.05 32.65
CA GLY B 242 -23.52 -6.31 33.46
C GLY B 242 -23.49 -7.76 33.96
N VAL B 243 -24.62 -8.25 34.46
CA VAL B 243 -24.73 -9.63 34.97
C VAL B 243 -24.50 -10.58 33.80
N SER B 244 -25.09 -10.27 32.65
CA SER B 244 -24.95 -11.08 31.43
C SER B 244 -23.46 -11.17 31.05
N ASN B 245 -22.78 -10.03 31.03
CA ASN B 245 -21.34 -9.98 30.69
C ASN B 245 -20.54 -10.83 31.67
N LEU B 246 -20.87 -10.77 32.96
CA LEU B 246 -20.15 -11.58 33.98
C LEU B 246 -20.38 -13.07 33.72
N LEU B 247 -21.62 -13.44 33.43
CA LEU B 247 -21.94 -14.86 33.08
C LEU B 247 -21.16 -15.28 31.83
N ASP B 248 -21.07 -14.41 30.82
CA ASP B 248 -20.34 -14.72 29.56
C ASP B 248 -18.86 -14.97 29.87
N ILE B 249 -18.24 -14.13 30.69
CA ILE B 249 -16.82 -14.32 31.08
C ILE B 249 -16.68 -15.64 31.84
N LEU B 250 -17.59 -15.92 32.77
CA LEU B 250 -17.49 -17.15 33.59
C LEU B 250 -17.60 -18.38 32.69
N SER B 251 -18.60 -18.40 31.83
CA SER B 251 -18.84 -19.50 30.87
C SER B 251 -17.57 -19.72 30.04
N ALA B 252 -16.99 -18.63 29.53
CA ALA B 252 -15.82 -18.68 28.64
C ALA B 252 -14.61 -19.26 29.39
N VAL B 253 -14.45 -18.96 30.67
CA VAL B 253 -13.26 -19.41 31.43
C VAL B 253 -13.43 -20.87 31.86
N THR B 254 -14.62 -21.25 32.33
CA THR B 254 -14.89 -22.57 32.95
C THR B 254 -15.32 -23.60 31.90
N GLY B 255 -15.83 -23.17 30.76
CA GLY B 255 -16.42 -24.07 29.75
C GLY B 255 -17.87 -24.45 30.03
N GLN B 256 -18.44 -23.97 31.14
CA GLN B 256 -19.84 -24.28 31.52
C GLN B 256 -20.79 -23.44 30.68
N SER B 257 -21.95 -24.01 30.35
CA SER B 257 -22.99 -23.33 29.56
C SER B 257 -23.67 -22.28 30.44
N ILE B 258 -24.32 -21.31 29.81
CA ILE B 258 -25.13 -20.31 30.53
C ILE B 258 -26.26 -21.01 31.29
N PRO B 259 -27.09 -21.87 30.66
CA PRO B 259 -28.10 -22.60 31.42
C PRO B 259 -27.57 -23.34 32.65
N GLU B 260 -26.39 -23.95 32.56
CA GLU B 260 -25.76 -24.62 33.73
C GLU B 260 -25.39 -23.59 34.79
N LEU B 261 -24.89 -22.43 34.37
CA LEU B 261 -24.50 -21.37 35.34
C LEU B 261 -25.76 -20.82 36.02
N GLU B 262 -26.81 -20.56 35.25
CA GLU B 262 -28.07 -20.02 35.83
C GLU B 262 -28.61 -21.00 36.88
N LYS B 263 -28.52 -22.30 36.62
CA LYS B 263 -28.98 -23.33 37.59
C LYS B 263 -28.09 -23.30 38.83
N GLN B 264 -26.77 -23.20 38.65
CA GLN B 264 -25.82 -23.19 39.77
C GLN B 264 -26.09 -21.97 40.67
N PHE B 265 -26.58 -20.87 40.12
CA PHE B 265 -26.73 -19.61 40.89
C PHE B 265 -28.18 -19.42 41.36
N GLU B 266 -29.06 -20.38 41.11
CA GLU B 266 -30.47 -20.28 41.60
C GLU B 266 -30.44 -20.11 43.12
N GLY B 267 -31.17 -19.11 43.61
CA GLY B 267 -31.21 -18.81 45.06
C GLY B 267 -30.02 -17.99 45.52
N LYS B 268 -29.09 -17.65 44.62
CA LYS B 268 -27.90 -16.82 44.95
C LYS B 268 -27.99 -15.49 44.24
N MET B 269 -27.16 -14.56 44.67
CA MET B 269 -27.18 -13.17 44.17
C MET B 269 -25.80 -12.79 43.62
N TYR B 270 -25.52 -11.52 43.48
CA TYR B 270 -24.38 -11.08 42.65
C TYR B 270 -23.06 -11.32 43.38
N GLY B 271 -23.09 -11.48 44.71
CA GLY B 271 -21.88 -11.82 45.49
C GLY B 271 -21.32 -13.18 45.11
N HIS B 272 -22.17 -14.19 44.98
CA HIS B 272 -21.73 -15.53 44.51
C HIS B 272 -21.22 -15.45 43.06
N LEU B 273 -21.97 -14.78 42.18
CA LEU B 273 -21.58 -14.62 40.77
C LEU B 273 -20.19 -13.99 40.67
N LYS B 274 -19.99 -12.83 41.31
CA LYS B 274 -18.69 -12.10 41.22
C LYS B 274 -17.59 -12.90 41.92
N GLY B 275 -17.92 -13.63 43.00
CA GLY B 275 -16.91 -14.47 43.67
C GLY B 275 -16.39 -15.53 42.73
N GLU B 276 -17.27 -16.14 41.93
CA GLU B 276 -16.86 -17.24 41.03
C GLU B 276 -16.10 -16.65 39.83
N VAL B 277 -16.52 -15.50 39.30
CA VAL B 277 -15.82 -14.86 38.16
C VAL B 277 -14.41 -14.45 38.61
N ALA B 278 -14.30 -13.84 39.79
CA ALA B 278 -13.00 -13.40 40.33
C ALA B 278 -12.07 -14.59 40.54
N ASP B 279 -12.58 -15.68 41.12
CA ASP B 279 -11.76 -16.88 41.37
C ASP B 279 -11.26 -17.47 40.04
N ALA B 280 -12.14 -17.61 39.07
CA ALA B 280 -11.80 -18.26 37.79
C ALA B 280 -10.79 -17.39 37.02
N VAL B 281 -11.05 -16.09 36.94
CA VAL B 281 -10.16 -15.18 36.15
C VAL B 281 -8.81 -15.08 36.86
N SER B 282 -8.81 -14.89 38.18
CA SER B 282 -7.55 -14.75 38.96
C SER B 282 -6.67 -15.99 38.75
N GLY B 283 -7.26 -17.18 38.79
CA GLY B 283 -6.50 -18.43 38.57
C GLY B 283 -5.93 -18.49 37.15
N MET B 284 -6.73 -18.14 36.14
CA MET B 284 -6.28 -18.17 34.73
C MET B 284 -5.12 -17.20 34.53
N LEU B 285 -5.24 -15.98 35.03
CA LEU B 285 -4.20 -14.94 34.82
C LEU B 285 -2.92 -15.28 35.59
N THR B 286 -3.04 -15.83 36.79
CA THR B 286 -1.85 -16.25 37.57
C THR B 286 -1.04 -17.27 36.77
N GLU B 287 -1.69 -18.30 36.24
CA GLU B 287 -1.00 -19.36 35.45
C GLU B 287 -0.43 -18.74 34.16
N LEU B 288 -1.22 -17.90 33.48
CA LEU B 288 -0.80 -17.31 32.20
C LEU B 288 0.45 -16.45 32.40
N GLN B 289 0.47 -15.65 33.45
CA GLN B 289 1.56 -14.68 33.67
C GLN B 289 2.84 -15.43 34.07
N GLU B 290 2.70 -16.54 34.77
CA GLU B 290 3.86 -17.38 35.15
C GLU B 290 4.55 -17.89 33.87
N ARG B 291 3.80 -18.39 32.90
CA ARG B 291 4.39 -18.82 31.60
C ARG B 291 4.94 -17.60 30.85
N TYR B 292 4.23 -16.47 30.90
CA TYR B 292 4.61 -15.26 30.14
C TYR B 292 6.04 -14.83 30.47
N HIS B 293 6.38 -14.71 31.75
CA HIS B 293 7.71 -14.16 32.09
C HIS B 293 8.79 -15.14 31.64
N ARG B 294 8.52 -16.45 31.68
CA ARG B 294 9.53 -17.42 31.19
C ARG B 294 9.80 -17.18 29.70
N PHE B 295 8.79 -16.84 28.90
CA PHE B 295 9.02 -16.56 27.46
C PHE B 295 9.54 -15.15 27.24
N ARG B 296 8.98 -14.17 27.95
CA ARG B 296 9.24 -12.74 27.66
C ARG B 296 10.71 -12.39 27.92
N ASN B 297 11.33 -13.02 28.91
CA ASN B 297 12.72 -12.68 29.34
C ASN B 297 13.73 -13.58 28.61
N ASP B 298 13.29 -14.39 27.64
CA ASP B 298 14.19 -15.30 26.89
C ASP B 298 14.35 -14.72 25.48
N GLU B 299 15.22 -13.74 25.32
CA GLU B 299 15.29 -13.02 24.01
C GLU B 299 15.76 -13.97 22.91
N ALA B 300 16.65 -14.92 23.21
CA ALA B 300 17.14 -15.86 22.18
C ALA B 300 15.98 -16.66 21.61
N PHE B 301 15.07 -17.11 22.46
CA PHE B 301 13.89 -17.90 22.02
C PHE B 301 12.94 -17.01 21.21
N LEU B 302 12.63 -15.81 21.68
CA LEU B 302 11.76 -14.89 20.92
C LEU B 302 12.39 -14.61 19.55
N GLN B 303 13.69 -14.40 19.50
CA GLN B 303 14.39 -14.10 18.23
C GLN B 303 14.24 -15.30 17.29
N GLN B 304 14.41 -16.51 17.81
CA GLN B 304 14.35 -17.72 16.97
C GLN B 304 12.93 -17.92 16.42
N VAL B 305 11.92 -17.70 17.26
CA VAL B 305 10.51 -17.86 16.82
C VAL B 305 10.22 -16.85 15.71
N MET B 306 10.66 -15.60 15.85
CA MET B 306 10.40 -14.60 14.79
C MET B 306 11.13 -14.99 13.50
N LYS B 307 12.36 -15.46 13.61
CA LYS B 307 13.13 -15.84 12.40
C LYS B 307 12.46 -17.00 11.66
N ASP B 308 12.16 -18.08 12.38
CA ASP B 308 11.55 -19.28 11.76
C ASP B 308 10.16 -18.95 11.22
N GLY B 309 9.41 -18.12 11.93
CA GLY B 309 8.03 -17.79 11.50
C GLY B 309 8.03 -16.95 10.22
N ALA B 310 8.89 -15.96 10.13
CA ALA B 310 8.95 -15.10 8.93
C ALA B 310 9.41 -15.96 7.74
N GLU B 311 10.28 -16.93 7.97
CA GLU B 311 10.77 -17.81 6.88
C GLU B 311 9.62 -18.68 6.36
N LYS B 312 8.84 -19.27 7.26
CA LYS B 312 7.67 -20.09 6.86
C LYS B 312 6.62 -19.22 6.18
N ALA B 313 6.26 -18.07 6.77
CA ALA B 313 5.23 -17.17 6.18
C ALA B 313 5.69 -16.72 4.79
N SER B 314 6.93 -16.31 4.64
CA SER B 314 7.45 -15.76 3.35
C SER B 314 7.32 -16.82 2.25
N ALA B 315 7.49 -18.09 2.58
CA ALA B 315 7.39 -19.16 1.56
C ALA B 315 5.96 -19.19 1.00
N HIS B 316 4.96 -19.17 1.87
CA HIS B 316 3.54 -19.18 1.47
C HIS B 316 3.21 -17.88 0.71
N ALA B 317 3.58 -16.76 1.30
CA ALA B 317 3.16 -15.43 0.79
C ALA B 317 3.77 -15.19 -0.60
N SER B 318 5.03 -15.54 -0.79
CA SER B 318 5.71 -15.31 -2.08
C SER B 318 4.97 -16.09 -3.18
N ARG B 319 4.50 -17.30 -2.89
CA ARG B 319 3.79 -18.13 -3.87
C ARG B 319 2.51 -17.41 -4.32
N THR B 320 1.73 -16.89 -3.37
CA THR B 320 0.46 -16.22 -3.72
C THR B 320 0.77 -14.94 -4.49
N LEU B 321 1.73 -14.15 -4.00
CA LEU B 321 2.00 -12.86 -4.66
C LEU B 321 2.47 -13.08 -6.11
N LYS B 322 3.29 -14.10 -6.35
CA LYS B 322 3.74 -14.40 -7.73
C LYS B 322 2.53 -14.66 -8.63
N ALA B 323 1.54 -15.41 -8.16
CA ALA B 323 0.35 -15.70 -8.96
C ALA B 323 -0.48 -14.42 -9.18
N VAL B 324 -0.56 -13.56 -8.16
CA VAL B 324 -1.32 -12.28 -8.28
C VAL B 324 -0.63 -11.42 -9.34
N TYR B 325 0.68 -11.29 -9.25
CA TYR B 325 1.44 -10.40 -10.17
C TYR B 325 1.33 -10.95 -11.61
N GLU B 326 1.35 -12.26 -11.77
CA GLU B 326 1.21 -12.86 -13.13
C GLU B 326 -0.19 -12.56 -13.66
N ALA B 327 -1.23 -12.70 -12.84
CA ALA B 327 -2.63 -12.45 -13.24
C ALA B 327 -2.84 -11.01 -13.67
N ILE B 328 -2.32 -10.03 -12.92
CA ILE B 328 -2.66 -8.62 -13.20
C ILE B 328 -1.79 -8.08 -14.34
N GLY B 329 -0.72 -8.76 -14.72
CA GLY B 329 0.05 -8.40 -15.93
C GLY B 329 1.40 -7.77 -15.65
N PHE B 330 1.97 -7.96 -14.44
CA PHE B 330 3.32 -7.43 -14.16
C PHE B 330 4.37 -8.31 -14.83
N VAL B 331 5.45 -7.69 -15.31
CA VAL B 331 6.68 -8.41 -15.72
C VAL B 331 7.25 -9.10 -14.47
N ALA B 332 7.38 -10.42 -14.51
CA ALA B 332 7.86 -11.15 -13.32
C ALA B 332 9.30 -10.76 -13.02
N LYS B 333 9.60 -10.58 -11.74
CA LYS B 333 10.97 -10.30 -11.27
C LYS B 333 11.87 -11.47 -11.64
N ARG B 334 13.09 -11.17 -12.06
CA ARG B 334 14.13 -12.19 -12.37
C ARG B 334 14.60 -12.86 -11.08
C5 A1EKY C . -2.95 9.47 -11.80
C7 A1EKY C . -4.48 7.88 -11.72
C1 A1EKY C . -4.40 13.17 -14.06
C11 A1EKY C . -1.94 8.58 -11.39
C12 A1EKY C . -0.75 9.37 -11.39
C13 A1EKY C . 0.67 8.97 -11.17
C14 A1EKY C . 1.52 9.77 -10.41
C15 A1EKY C . 2.86 9.44 -10.28
C16 A1EKY C . 3.36 8.32 -10.92
C18 A1EKY C . 5.65 8.83 -10.37
C19 A1EKY C . 6.26 8.53 -9.17
C2 A1EKY C . -4.12 11.87 -13.32
C20 A1EKY C . 7.26 9.35 -8.68
C21 A1EKY C . 7.64 10.47 -9.39
C22 A1EKY C . 7.02 10.78 -10.59
C23 A1EKY C . 6.02 9.97 -11.08
C24 A1EKY C . 2.52 7.51 -11.66
C25 A1EKY C . 1.18 7.84 -11.79
C27 A1EKY C . -2.76 13.09 -11.57
C28 A1EKY C . -3.35 14.35 -12.16
C3 A1EKY C . -2.80 11.95 -12.59
C9 A1EKY C . -2.34 7.25 -11.13
N10 A1EKY C . -1.50 6.31 -10.67
N26 A1EKY C . -1.01 10.61 -11.75
N29 A1EKY C . -3.44 14.23 -13.65
N4 A1EKY C . -2.35 10.67 -12.02
N6 A1EKY C . -4.24 9.16 -11.97
N8 A1EKY C . -3.63 6.93 -11.33
O17 A1EKY C . 4.70 7.96 -10.87
S SO4 D . 2.70 14.20 -21.99
O1 SO4 D . 3.20 13.69 -23.24
O2 SO4 D . 1.29 13.94 -21.89
O3 SO4 D . 3.41 13.56 -20.90
O4 SO4 D . 2.94 15.63 -21.93
S SO4 E . 0.45 24.12 -50.86
O1 SO4 E . 1.06 24.19 -52.16
O2 SO4 E . 0.10 22.76 -50.56
O3 SO4 E . 1.37 24.63 -49.88
O4 SO4 E . -0.74 24.93 -50.85
C1 CLW F . 1.31 0.87 -0.11
C2 CLW F . 0.94 -0.37 0.38
C3 CLW F . -0.36 -0.55 0.80
C4 CLW F . -1.29 0.46 0.73
C5 CLW F . -0.93 1.71 0.25
C6 CLW F . 0.37 1.89 -0.17
CL1 CLW F . 0.83 3.43 -0.81
O1 CLW F . -0.97 -1.67 1.32
C7 CLW F . -2.29 -1.33 1.58
N1 CLW F . -2.46 -0.04 1.22
O2 CLW F . -3.05 -2.10 2.03
P TYM G . -7.02 -6.34 17.72
O1P TYM G . -7.72 -5.06 18.05
O2P TYM G . -5.65 -6.58 18.16
O5' TYM G . -7.94 -7.50 18.34
C5' TYM G . -7.47 -8.85 18.34
C4' TYM G . -8.64 -9.79 18.34
O4' TYM G . -9.42 -9.58 19.55
C1' TYM G . -10.79 -9.48 19.19
N9 TYM G . -11.45 -8.63 20.19
C4 TYM G . -12.45 -9.02 21.06
N3 TYM G . -13.06 -10.20 21.12
C2 TYM G . -13.99 -10.21 22.08
N1 TYM G . -14.35 -9.23 22.91
C6 TYM G . -13.71 -8.05 22.82
N6 TYM G . -14.01 -7.10 23.73
C5 TYM G . -12.71 -7.91 21.84
N7 TYM G . -11.90 -6.84 21.48
C8 TYM G . -11.18 -7.33 20.49
C2' TYM G . -10.81 -8.91 17.78
O2' TYM G . -12.01 -9.21 17.11
C3' TYM G . -9.62 -9.65 17.16
O3' TYM G . -10.03 -10.92 16.66
NH3 TYM G . -7.85 -5.93 12.77
CA TYM G . -7.50 -6.95 13.79
CB TYM G . -6.04 -7.40 13.61
CG TYM G . -5.79 -7.99 12.27
CD2 TYM G . -6.31 -9.24 11.78
CE2 TYM G . -5.82 -9.41 10.47
CE3 TYM G . -7.14 -10.23 12.31
CD1 TYM G . -5.04 -7.47 11.26
NE1 TYM G . -5.04 -8.32 10.18
CZ2 TYM G . -6.12 -10.53 9.71
CZ3 TYM G . -7.46 -11.34 11.55
CH2 TYM G . -6.96 -11.49 10.27
C TYM G . -7.80 -6.40 15.18
O TYM G . -8.77 -5.75 15.43
OPP TYM G . -6.94 -6.76 16.15
S SO4 H . -9.46 -1.12 21.03
O1 SO4 H . -9.35 -1.15 19.60
O2 SO4 H . -9.80 -2.45 21.53
O3 SO4 H . -8.20 -0.68 21.60
O4 SO4 H . -10.50 -0.17 21.41
#